data_7B7P
#
_entry.id   7B7P
#
_cell.length_a   124.380
_cell.length_b   124.380
_cell.length_c   140.740
_cell.angle_alpha   90.000
_cell.angle_beta   90.000
_cell.angle_gamma   120.000
#
_symmetry.space_group_name_H-M   'P 61'
#
loop_
_entity.id
_entity.type
_entity.pdbx_description
1 polymer 'Type IV pilus biogenesis protein PilB'
2 non-polymer 'MAGNESIUM ION'
3 non-polymer 'CHLORIDE ION'
4 water water
#
_entity_poly.entity_id   1
_entity_poly.type   'polypeptide(L)'
_entity_poly.pdbx_seq_one_letter_code
;SSRELIEREASIQAEMRTSMQYVDRTVGKATSIFILDDSKFKGSKQGLTREWSYIGLSADGKKVMNYVWNKQKQDWDVSE
LGTKSLYNMKLDLEFKTEGAYQDNRLISYNLTGKYPDTNNKLGIDTAISALNTKQVFSKVAKGKKGIAIAYRTDPIQGQM
NIAVSFVFDTSGSMDWDLQGRNVKKTGNESRMDILRKKSVIMIKDLAEIGNISVNLVGFSTSAKYIQQNFSNLDNGTNTI
IATITKRENLNPDGVTNPGDGLRYGMISLQSQPAQLKYIVLLTDGIPNAYLVDSRALYAGNRVDLSQGAGRVTFNNPIYD
LSPTLGYEYSRLGYDLYSRDSITRENSIAYAGEVSKKFGLGIKRVNVIGFSGVNHEIAYGQSLTDRIGEGGMETKYVSAT
NEEALQKTFSDIKKQIQQDLWFVSGP
;
_entity_poly.pdbx_strand_id   A,B
#
loop_
_chem_comp.id
_chem_comp.type
_chem_comp.name
_chem_comp.formula
CL non-polymer 'CHLORIDE ION' 'Cl -1'
MG non-polymer 'MAGNESIUM ION' 'Mg 2'
#
# COMPACT_ATOMS: atom_id res chain seq x y z
N GLU A 7 34.23 4.57 49.57
CA GLU A 7 33.88 5.63 48.62
C GLU A 7 35.00 5.81 47.57
N ARG A 8 35.35 4.73 46.89
CA ARG A 8 36.14 4.91 45.67
C ARG A 8 35.26 5.21 44.48
N GLU A 9 33.94 5.13 44.67
CA GLU A 9 32.97 5.45 43.63
C GLU A 9 33.19 6.82 43.02
N ALA A 10 33.13 7.86 43.86
CA ALA A 10 33.03 9.25 43.43
C ALA A 10 33.95 9.61 42.28
N SER A 11 35.21 9.16 42.33
CA SER A 11 36.18 9.50 41.29
C SER A 11 36.31 8.43 40.21
N ILE A 12 35.72 7.25 40.41
CA ILE A 12 35.50 6.33 39.29
C ILE A 12 34.45 6.89 38.33
N GLN A 13 33.34 7.40 38.90
CA GLN A 13 32.31 8.00 38.06
C GLN A 13 32.84 9.23 37.34
N ALA A 14 33.65 10.04 38.03
CA ALA A 14 34.29 11.18 37.38
C ALA A 14 35.26 10.73 36.30
N GLU A 15 35.92 9.59 36.50
CA GLU A 15 36.85 9.12 35.48
C GLU A 15 36.11 8.61 34.24
N MET A 16 35.02 7.89 34.45
CA MET A 16 34.24 7.43 33.30
C MET A 16 33.64 8.61 32.53
N ARG A 17 33.11 9.62 33.22
CA ARG A 17 32.57 10.78 32.52
C ARG A 17 33.65 11.50 31.71
N THR A 18 34.86 11.65 32.27
CA THR A 18 35.91 12.34 31.52
C THR A 18 36.35 11.50 30.32
N SER A 19 36.41 10.18 30.50
CA SER A 19 36.65 9.30 29.37
C SER A 19 35.60 9.50 28.27
N MET A 20 34.34 9.63 28.67
CA MET A 20 33.28 9.81 27.69
C MET A 20 33.37 11.17 27.03
N GLN A 21 33.78 12.19 27.80
CA GLN A 21 34.05 13.50 27.22
C GLN A 21 35.21 13.42 26.24
N TYR A 22 36.23 12.61 26.55
CA TYR A 22 37.30 12.37 25.58
C TYR A 22 36.73 11.82 24.28
N VAL A 23 35.95 10.74 24.37
CA VAL A 23 35.30 10.16 23.19
C VAL A 23 34.49 11.22 22.45
N ASP A 24 33.57 11.90 23.16
CA ASP A 24 32.76 12.92 22.49
C ASP A 24 33.62 14.00 21.85
N ARG A 25 34.77 14.31 22.45
CA ARG A 25 35.64 15.35 21.90
C ARG A 25 36.23 14.91 20.57
N THR A 26 36.83 13.72 20.54
CA THR A 26 37.42 13.24 19.30
C THR A 26 36.34 12.91 18.27
N VAL A 27 35.18 12.42 18.71
CA VAL A 27 34.06 12.16 17.80
C VAL A 27 33.53 13.45 17.19
N GLY A 28 33.59 14.56 17.94
CA GLY A 28 33.09 15.84 17.45
C GLY A 28 33.89 16.43 16.30
N LYS A 29 35.09 15.91 16.04
CA LYS A 29 35.93 16.39 14.96
C LYS A 29 35.90 15.47 13.73
N ALA A 30 35.08 14.44 13.71
CA ALA A 30 35.09 13.48 12.62
C ALA A 30 34.20 13.95 11.47
N THR A 31 34.70 13.77 10.26
CA THR A 31 33.91 14.13 9.09
C THR A 31 33.14 12.94 8.51
N SER A 32 33.36 11.72 9.02
CA SER A 32 32.49 10.59 8.74
C SER A 32 32.63 9.59 9.88
N ILE A 33 31.51 8.96 10.24
CA ILE A 33 31.43 8.08 11.40
C ILE A 33 30.77 6.79 10.95
N PHE A 34 31.35 5.66 11.38
CA PHE A 34 30.74 4.35 11.24
C PHE A 34 30.63 3.73 12.62
N ILE A 35 29.42 3.34 13.01
CA ILE A 35 29.25 2.51 14.21
C ILE A 35 29.46 1.06 13.82
N LEU A 36 30.28 0.35 14.60
CA LEU A 36 30.68 -1.03 14.28
C LEU A 36 30.26 -1.99 15.39
N ASP A 37 29.86 -3.20 14.99
CA ASP A 37 29.68 -4.29 15.94
C ASP A 37 30.99 -5.06 16.10
N ASP A 38 31.00 -6.06 16.98
CA ASP A 38 32.25 -6.80 17.26
C ASP A 38 32.74 -7.70 16.08
N SER A 39 32.18 -7.64 14.87
CA SER A 39 32.79 -8.36 13.75
C SER A 39 33.92 -7.55 13.12
N LYS A 40 33.84 -6.22 13.15
CA LYS A 40 34.90 -5.36 12.63
C LYS A 40 35.65 -4.62 13.73
N PHE A 41 35.53 -5.06 14.99
CA PHE A 41 36.38 -4.55 16.06
C PHE A 41 36.37 -5.54 17.22
N LYS A 42 37.57 -5.98 17.65
CA LYS A 42 37.69 -6.96 18.72
C LYS A 42 38.68 -6.52 19.81
N GLY A 43 39.13 -5.28 19.79
CA GLY A 43 40.31 -4.86 20.53
C GLY A 43 41.41 -4.64 19.52
N SER A 44 42.67 -4.91 19.90
CA SER A 44 43.68 -5.23 18.90
C SER A 44 43.94 -4.20 17.81
N LYS A 45 44.70 -4.60 16.79
CA LYS A 45 44.72 -3.96 15.48
C LYS A 45 44.50 -4.98 14.37
N GLN A 46 44.29 -6.24 14.74
CA GLN A 46 43.99 -7.31 13.77
C GLN A 46 42.55 -7.14 13.29
N GLY A 47 42.41 -6.64 12.06
CA GLY A 47 41.10 -6.49 11.47
C GLY A 47 40.88 -5.05 11.07
N LEU A 48 41.63 -4.15 11.68
CA LEU A 48 41.46 -2.73 11.43
C LEU A 48 41.72 -2.42 9.96
N THR A 49 40.73 -1.80 9.31
CA THR A 49 40.84 -1.37 7.93
C THR A 49 41.68 -0.10 7.86
N ARG A 50 42.64 -0.07 6.93
CA ARG A 50 43.62 1.01 6.93
C ARG A 50 42.98 2.33 6.56
N GLU A 51 43.56 3.42 7.10
CA GLU A 51 43.17 4.82 6.95
C GLU A 51 41.88 5.17 7.68
N TRP A 52 41.38 4.27 8.52
CA TRP A 52 40.28 4.57 9.43
C TRP A 52 40.80 4.53 10.87
N SER A 53 40.52 5.59 11.62
CA SER A 53 40.80 5.63 13.05
C SER A 53 39.62 5.04 13.81
N TYR A 54 39.90 4.48 14.99
CA TYR A 54 38.92 3.72 15.74
C TYR A 54 38.89 4.13 17.21
N ILE A 55 37.73 3.98 17.84
CA ILE A 55 37.58 4.04 19.29
C ILE A 55 36.80 2.81 19.72
N GLY A 56 37.29 2.15 20.75
CA GLY A 56 36.60 0.97 21.26
C GLY A 56 37.35 0.42 22.45
N LEU A 57 36.70 -0.56 23.10
CA LEU A 57 37.26 -1.15 24.30
C LEU A 57 38.42 -2.09 23.97
N SER A 58 39.25 -2.32 24.98
CA SER A 58 40.38 -3.25 24.89
C SER A 58 39.88 -4.68 24.67
N ALA A 59 40.84 -5.56 24.41
CA ALA A 59 40.57 -6.99 24.46
C ALA A 59 40.14 -7.39 25.86
N ASP A 60 40.93 -7.02 26.86
CA ASP A 60 40.58 -7.33 28.25
C ASP A 60 39.33 -6.57 28.72
N GLY A 61 38.85 -5.60 27.93
CA GLY A 61 37.62 -4.91 28.26
C GLY A 61 37.75 -3.86 29.33
N LYS A 62 38.96 -3.47 29.69
CA LYS A 62 39.19 -2.64 30.87
C LYS A 62 39.68 -1.25 30.53
N LYS A 63 39.82 -0.93 29.25
CA LYS A 63 40.32 0.38 28.86
C LYS A 63 39.59 0.84 27.60
N VAL A 64 39.25 2.13 27.56
CA VAL A 64 38.71 2.75 26.35
C VAL A 64 39.90 3.28 25.56
N MET A 65 40.08 2.79 24.33
CA MET A 65 41.25 3.19 23.57
C MET A 65 40.89 3.76 22.20
N ASN A 66 41.90 4.39 21.62
CA ASN A 66 41.76 5.25 20.47
C ASN A 66 42.92 4.94 19.52
N TYR A 67 42.64 4.17 18.46
CA TYR A 67 43.63 3.83 17.44
C TYR A 67 43.55 4.87 16.33
N VAL A 68 44.52 5.79 16.27
CA VAL A 68 44.49 6.92 15.35
C VAL A 68 45.35 6.62 14.14
N TRP A 69 44.89 7.05 12.97
CA TRP A 69 45.58 6.74 11.72
C TRP A 69 46.84 7.59 11.56
N ASN A 70 47.96 6.93 11.26
CA ASN A 70 49.25 7.59 11.19
C ASN A 70 49.50 8.24 9.83
N LYS A 71 49.31 7.46 8.75
CA LYS A 71 49.53 7.87 7.37
C LYS A 71 51.02 7.99 7.05
N GLN A 72 51.76 8.74 7.85
CA GLN A 72 53.20 8.86 7.59
C GLN A 72 53.97 7.65 8.08
N LYS A 73 53.55 7.03 9.18
CA LYS A 73 54.05 5.70 9.54
C LYS A 73 53.13 4.58 9.08
N GLN A 74 51.97 4.92 8.54
CA GLN A 74 50.98 3.97 8.04
C GLN A 74 50.69 2.86 9.05
N ASP A 75 50.29 3.30 10.25
CA ASP A 75 49.91 2.40 11.33
C ASP A 75 48.97 3.16 12.27
N TRP A 76 48.75 2.60 13.47
CA TRP A 76 47.85 3.18 14.44
C TRP A 76 48.60 3.53 15.73
N ASP A 77 48.22 4.67 16.31
CA ASP A 77 48.84 5.20 17.52
C ASP A 77 47.97 4.87 18.72
N VAL A 78 48.07 3.61 19.16
CA VAL A 78 47.28 3.07 20.27
C VAL A 78 47.48 3.90 21.53
N SER A 79 46.44 4.63 21.93
CA SER A 79 46.44 5.45 23.14
C SER A 79 45.14 5.24 23.91
N GLU A 80 45.24 5.14 25.24
CA GLU A 80 44.04 5.05 26.06
C GLU A 80 43.40 6.42 26.19
N LEU A 81 42.08 6.47 26.00
CA LEU A 81 41.30 7.68 26.21
C LEU A 81 40.86 7.70 27.67
N GLY A 82 41.43 8.62 28.43
CA GLY A 82 41.28 8.66 29.87
C GLY A 82 42.57 9.09 30.50
N THR A 83 42.65 8.92 31.82
CA THR A 83 43.83 9.37 32.55
C THR A 83 44.36 8.37 33.58
N LYS A 84 43.56 7.43 34.08
CA LYS A 84 43.99 6.66 35.23
C LYS A 84 43.44 5.24 35.15
N SER A 85 43.98 4.40 36.02
CA SER A 85 43.45 3.06 36.22
C SER A 85 42.01 3.13 36.70
N LEU A 86 41.32 2.00 36.56
CA LEU A 86 39.95 1.86 37.04
C LEU A 86 39.80 0.56 37.81
N TYR A 87 40.88 0.09 38.43
CA TYR A 87 40.83 -0.93 39.47
C TYR A 87 40.48 -2.28 38.86
N ASN A 88 41.00 -2.51 37.66
CA ASN A 88 40.82 -3.76 36.93
C ASN A 88 39.33 -4.11 36.82
N MET A 89 38.54 -3.08 36.55
CA MET A 89 37.11 -3.20 36.31
C MET A 89 36.84 -3.42 34.82
N LYS A 90 35.83 -4.23 34.52
CA LYS A 90 35.48 -4.54 33.15
C LYS A 90 34.33 -3.64 32.69
N LEU A 91 34.45 -3.13 31.46
CA LEU A 91 33.64 -2.02 30.97
C LEU A 91 32.67 -2.47 29.88
N ASP A 92 31.55 -1.75 29.78
CA ASP A 92 30.52 -1.98 28.76
C ASP A 92 30.36 -0.68 27.97
N LEU A 93 30.81 -0.67 26.71
CA LEU A 93 30.81 0.53 25.87
C LEU A 93 29.91 0.31 24.68
N GLU A 94 28.94 1.22 24.48
CA GLU A 94 27.98 1.06 23.40
C GLU A 94 27.67 2.42 22.77
N PHE A 95 27.61 2.46 21.44
CA PHE A 95 27.25 3.67 20.70
C PHE A 95 25.95 3.45 19.91
N LYS A 96 25.23 4.54 19.69
CA LYS A 96 23.89 4.50 19.11
C LYS A 96 23.57 5.85 18.50
N THR A 97 23.06 5.84 17.27
CA THR A 97 22.46 7.05 16.71
C THR A 97 21.05 7.23 17.26
N GLU A 98 20.62 8.49 17.34
CA GLU A 98 19.39 8.83 18.08
C GLU A 98 18.67 10.00 17.42
N GLY A 99 18.48 9.94 16.10
CA GLY A 99 17.77 11.01 15.42
C GLY A 99 18.56 12.31 15.34
N ALA A 100 17.85 13.42 15.43
CA ALA A 100 18.44 14.71 15.09
C ALA A 100 17.89 15.83 15.95
N TYR A 101 18.69 16.87 16.13
CA TYR A 101 18.26 18.12 16.73
C TYR A 101 18.58 19.24 15.75
N GLN A 102 17.54 19.85 15.19
CA GLN A 102 17.70 20.79 14.05
C GLN A 102 18.48 20.02 12.97
N ASP A 103 19.57 20.57 12.43
CA ASP A 103 20.32 19.91 11.37
C ASP A 103 21.50 19.10 11.89
N ASN A 104 21.51 18.72 13.17
CA ASN A 104 22.58 17.91 13.76
C ASN A 104 22.07 16.50 14.01
N ARG A 105 22.87 15.51 13.65
CA ARG A 105 22.57 14.13 14.00
C ARG A 105 22.98 13.89 15.45
N LEU A 106 22.15 13.15 16.16
CA LEU A 106 22.42 12.82 17.55
C LEU A 106 23.08 11.45 17.68
N ILE A 107 23.86 11.31 18.75
CA ILE A 107 24.49 10.05 19.11
C ILE A 107 24.32 9.85 20.62
N SER A 108 24.17 8.59 21.02
CA SER A 108 24.11 8.26 22.44
C SER A 108 25.30 7.38 22.80
N TYR A 109 25.90 7.68 23.94
CA TYR A 109 26.99 6.92 24.49
C TYR A 109 26.52 6.17 25.73
N ASN A 110 27.04 4.97 25.90
CA ASN A 110 26.85 4.17 27.10
C ASN A 110 28.24 3.73 27.56
N LEU A 111 28.52 3.89 28.85
CA LEU A 111 29.83 3.53 29.38
C LEU A 111 29.65 3.12 30.84
N THR A 112 29.42 1.82 31.06
CA THR A 112 29.18 1.34 32.41
C THR A 112 30.15 0.24 32.82
N GLY A 113 29.76 -0.57 33.81
CA GLY A 113 30.63 -1.56 34.41
C GLY A 113 30.35 -1.69 35.90
N LYS A 114 30.41 -2.92 36.42
CA LYS A 114 30.13 -3.17 37.83
C LYS A 114 31.43 -3.20 38.64
N TYR A 115 31.34 -2.70 39.87
CA TYR A 115 32.51 -2.44 40.71
C TYR A 115 33.18 -3.75 41.15
N PRO A 116 34.55 -3.88 41.03
CA PRO A 116 35.28 -5.14 41.33
C PRO A 116 34.49 -6.42 41.51
N ASP A 117 34.10 -6.75 42.74
CA ASP A 117 33.22 -7.89 43.01
C ASP A 117 32.04 -7.44 43.86
N THR A 118 31.39 -6.38 43.38
CA THR A 118 30.07 -5.95 43.82
C THR A 118 29.11 -6.14 42.67
N ASN A 119 27.92 -5.53 42.74
CA ASN A 119 27.00 -5.49 41.62
C ASN A 119 26.48 -4.07 41.42
N ASN A 120 27.22 -3.11 41.93
CA ASN A 120 26.92 -1.69 41.81
C ASN A 120 27.29 -1.21 40.40
N LYS A 121 26.29 -0.89 39.59
CA LYS A 121 26.56 -0.36 38.26
C LYS A 121 27.11 1.06 38.38
N LEU A 122 28.15 1.35 37.61
CA LEU A 122 28.77 2.66 37.60
C LEU A 122 28.80 3.19 36.18
N GLY A 123 28.82 4.52 36.06
CA GLY A 123 28.95 5.14 34.75
C GLY A 123 27.73 5.89 34.28
N ILE A 124 27.54 5.94 32.97
CA ILE A 124 26.45 6.68 32.34
C ILE A 124 25.65 5.70 31.51
N ASP A 125 24.39 5.48 31.91
CA ASP A 125 23.51 4.59 31.16
C ASP A 125 23.30 5.09 29.74
N THR A 126 23.13 6.38 29.58
CA THR A 126 22.98 6.94 28.25
C THR A 126 23.20 8.45 28.30
N ALA A 127 24.07 8.96 27.44
CA ALA A 127 24.31 10.38 27.31
C ALA A 127 24.19 10.78 25.85
N ILE A 128 23.32 11.75 25.58
CA ILE A 128 23.10 12.23 24.22
C ILE A 128 24.10 13.34 23.91
N SER A 129 24.79 13.21 22.79
CA SER A 129 25.59 14.30 22.23
C SER A 129 25.16 14.53 20.79
N ALA A 130 25.77 15.52 20.15
CA ALA A 130 25.46 15.84 18.77
C ALA A 130 26.73 15.78 17.96
N LEU A 131 26.61 15.36 16.70
CA LEU A 131 27.74 15.27 15.80
C LEU A 131 27.79 16.48 14.87
N ASN A 132 28.95 16.69 14.26
CA ASN A 132 29.13 17.79 13.31
C ASN A 132 29.14 17.35 11.86
N THR A 133 28.99 16.06 11.57
CA THR A 133 28.84 15.54 10.22
C THR A 133 27.48 14.89 10.07
N LYS A 134 26.95 14.93 8.85
CA LYS A 134 25.76 14.17 8.47
C LYS A 134 26.08 12.83 7.84
N GLN A 135 27.35 12.47 7.71
CA GLN A 135 27.75 11.18 7.19
C GLN A 135 28.10 10.26 8.36
N VAL A 136 27.04 9.78 9.00
CA VAL A 136 27.11 8.81 10.10
C VAL A 136 26.38 7.56 9.63
N PHE A 137 27.06 6.42 9.73
CA PHE A 137 26.58 5.18 9.17
C PHE A 137 26.70 4.08 10.20
N SER A 138 25.87 3.07 10.07
CA SER A 138 25.89 1.93 10.98
C SER A 138 26.25 0.69 10.20
N LYS A 139 27.21 -0.08 10.75
CA LYS A 139 27.58 -1.39 10.25
C LYS A 139 27.29 -2.44 11.30
N VAL A 140 26.24 -2.25 12.08
CA VAL A 140 25.84 -3.17 13.13
C VAL A 140 24.77 -4.08 12.52
N ALA A 141 25.17 -5.31 12.19
CA ALA A 141 24.25 -6.30 11.69
C ALA A 141 23.41 -6.89 12.83
N LYS A 142 22.48 -7.77 12.47
CA LYS A 142 21.77 -8.57 13.46
C LYS A 142 20.92 -7.73 14.39
N GLY A 143 20.82 -8.20 15.63
CA GLY A 143 20.47 -7.39 16.79
C GLY A 143 21.72 -7.30 17.65
N LYS A 144 22.87 -7.11 16.99
CA LYS A 144 24.14 -6.91 17.67
C LYS A 144 24.17 -5.53 18.34
N LYS A 145 25.09 -5.39 19.32
CA LYS A 145 25.15 -4.23 20.17
C LYS A 145 25.81 -3.01 19.51
N GLY A 146 26.99 -3.17 18.91
CA GLY A 146 27.64 -1.99 18.38
C GLY A 146 28.49 -1.28 19.42
N ILE A 147 29.76 -1.69 19.50
CA ILE A 147 30.58 -1.46 20.67
C ILE A 147 31.84 -0.68 20.33
N ALA A 148 31.83 0.00 19.18
CA ALA A 148 33.03 0.65 18.69
C ALA A 148 32.66 1.57 17.56
N ILE A 149 33.59 2.47 17.22
CA ILE A 149 33.39 3.47 16.18
C ILE A 149 34.63 3.52 15.32
N ALA A 150 34.43 3.80 14.03
CA ALA A 150 35.51 4.10 13.10
C ALA A 150 35.23 5.45 12.46
N TYR A 151 36.27 6.27 12.28
CA TYR A 151 36.04 7.64 11.88
C TYR A 151 37.24 8.18 11.11
N ARG A 152 37.00 9.27 10.40
CA ARG A 152 38.05 10.07 9.79
C ARG A 152 37.80 11.53 10.09
N THR A 153 38.87 12.32 10.04
CA THR A 153 38.81 13.76 10.27
C THR A 153 39.05 14.56 9.00
N ASP A 154 39.43 13.91 7.91
CA ASP A 154 39.68 14.50 6.60
C ASP A 154 39.06 13.57 5.56
N PRO A 155 38.63 14.11 4.42
CA PRO A 155 37.91 13.27 3.44
C PRO A 155 38.74 12.08 3.00
N ILE A 156 38.06 11.06 2.49
CA ILE A 156 38.74 9.91 1.90
C ILE A 156 39.17 10.31 0.48
N GLN A 157 40.48 10.28 0.24
CA GLN A 157 41.07 10.84 -0.97
C GLN A 157 41.35 9.68 -1.94
N GLY A 158 40.60 9.62 -3.02
CA GLY A 158 40.67 8.51 -3.94
C GLY A 158 39.56 7.48 -3.73
N GLN A 159 38.32 7.88 -4.00
CA GLN A 159 37.20 6.96 -3.87
C GLN A 159 37.14 6.03 -5.08
N MET A 160 36.14 5.15 -5.08
CA MET A 160 35.94 4.21 -6.18
C MET A 160 35.33 4.92 -7.38
N ASN A 161 35.42 4.27 -8.53
CA ASN A 161 34.74 4.77 -9.72
C ASN A 161 33.33 4.19 -9.78
N ILE A 162 32.43 4.97 -10.38
CA ILE A 162 31.02 4.62 -10.46
C ILE A 162 30.55 4.80 -11.89
N ALA A 163 29.89 3.78 -12.43
CA ALA A 163 29.28 3.87 -13.74
C ALA A 163 27.77 3.76 -13.60
N VAL A 164 27.05 4.59 -14.35
CA VAL A 164 25.60 4.62 -14.32
C VAL A 164 25.12 4.57 -15.74
N SER A 165 24.34 3.55 -16.08
CA SER A 165 23.74 3.49 -17.41
C SER A 165 22.29 3.90 -17.29
N PHE A 166 21.93 4.98 -17.99
CA PHE A 166 20.56 5.43 -18.11
C PHE A 166 19.91 4.74 -19.29
N VAL A 167 18.73 4.18 -19.07
CA VAL A 167 18.05 3.36 -20.06
C VAL A 167 16.61 3.86 -20.13
N PHE A 168 16.30 4.63 -21.18
CA PHE A 168 15.09 5.44 -21.22
C PHE A 168 14.14 4.95 -22.31
N ASP A 169 12.90 4.69 -21.91
CA ASP A 169 11.82 4.40 -22.83
C ASP A 169 11.62 5.58 -23.78
N THR A 170 11.69 5.30 -25.10
CA THR A 170 11.46 6.30 -26.14
C THR A 170 10.30 5.89 -27.05
N SER A 171 9.33 5.16 -26.50
CA SER A 171 8.18 4.77 -27.32
C SER A 171 7.32 6.00 -27.69
N GLY A 172 6.38 5.77 -28.61
CA GLY A 172 5.56 6.86 -29.12
C GLY A 172 4.70 7.52 -28.06
N SER A 173 4.27 6.76 -27.04
CA SER A 173 3.52 7.34 -25.94
C SER A 173 4.26 8.48 -25.25
N MET A 174 5.58 8.54 -25.39
CA MET A 174 6.34 9.59 -24.70
C MET A 174 6.17 10.97 -25.35
N ASP A 175 5.40 11.08 -26.43
CA ASP A 175 5.00 12.38 -26.96
C ASP A 175 3.75 12.94 -26.31
N TRP A 176 2.98 12.12 -25.60
CA TRP A 176 1.80 12.63 -24.92
C TRP A 176 2.20 13.26 -23.58
N ASP A 177 1.22 13.91 -22.94
CA ASP A 177 1.50 14.44 -21.61
C ASP A 177 1.34 13.32 -20.58
N LEU A 178 1.66 13.66 -19.33
CA LEU A 178 1.68 12.66 -18.26
C LEU A 178 0.34 11.95 -18.12
N GLN A 179 -0.76 12.60 -18.51
CA GLN A 179 -2.10 12.00 -18.45
C GLN A 179 -2.47 11.29 -19.75
N GLY A 180 -1.55 11.17 -20.70
CA GLY A 180 -1.87 10.52 -21.95
C GLY A 180 -2.76 11.31 -22.89
N ARG A 181 -2.74 12.64 -22.80
CA ARG A 181 -3.47 13.47 -23.72
C ARG A 181 -2.49 14.21 -24.63
N ASN A 182 -3.01 14.65 -25.77
CA ASN A 182 -2.20 15.32 -26.79
C ASN A 182 -1.76 16.70 -26.30
N VAL A 183 -0.44 16.93 -26.32
CA VAL A 183 0.12 18.19 -25.82
C VAL A 183 -0.34 19.40 -26.61
N LYS A 184 -0.87 19.19 -27.82
CA LYS A 184 -1.40 20.30 -28.60
C LYS A 184 -2.78 20.73 -28.10
N LYS A 185 -3.55 19.81 -27.51
CA LYS A 185 -4.88 20.16 -27.03
C LYS A 185 -4.87 20.61 -25.57
N THR A 186 -4.22 19.87 -24.69
CA THR A 186 -3.79 20.48 -23.44
C THR A 186 -2.60 21.38 -23.72
N GLY A 187 -2.12 22.09 -22.71
CA GLY A 187 -0.97 22.93 -22.92
C GLY A 187 0.33 22.34 -22.45
N ASN A 188 0.29 21.14 -21.90
CA ASN A 188 1.38 20.61 -21.09
C ASN A 188 2.57 20.21 -21.96
N GLU A 189 3.70 20.03 -21.29
CA GLU A 189 4.86 19.40 -21.90
C GLU A 189 4.62 17.91 -22.10
N SER A 190 5.31 17.33 -23.08
CA SER A 190 5.31 15.88 -23.26
C SER A 190 6.12 15.20 -22.16
N ARG A 191 5.86 13.91 -21.98
CA ARG A 191 6.67 13.11 -21.07
C ARG A 191 8.14 13.21 -21.43
N MET A 192 8.46 13.14 -22.72
CA MET A 192 9.85 13.29 -23.12
C MET A 192 10.40 14.68 -22.77
N ASP A 193 9.60 15.74 -22.98
CA ASP A 193 10.05 17.08 -22.58
C ASP A 193 10.42 17.09 -21.11
N ILE A 194 9.56 16.53 -20.26
CA ILE A 194 9.84 16.55 -18.84
C ILE A 194 11.05 15.68 -18.52
N LEU A 195 11.17 14.54 -19.20
CA LEU A 195 12.29 13.64 -18.95
C LEU A 195 13.62 14.30 -19.32
N ARG A 196 13.67 14.96 -20.47
CA ARG A 196 14.88 15.70 -20.84
C ARG A 196 15.33 16.65 -19.72
N LYS A 197 14.42 17.54 -19.29
CA LYS A 197 14.77 18.51 -18.26
C LYS A 197 15.20 17.82 -16.96
N LYS A 198 14.41 16.85 -16.50
CA LYS A 198 14.67 16.29 -15.17
C LYS A 198 15.91 15.41 -15.14
N SER A 199 16.33 14.84 -16.26
CA SER A 199 17.55 14.06 -16.24
C SER A 199 18.80 14.93 -16.41
N VAL A 200 18.68 16.08 -17.09
CA VAL A 200 19.74 17.08 -17.03
C VAL A 200 20.04 17.45 -15.58
N ILE A 201 18.98 17.73 -14.79
CA ILE A 201 19.15 18.00 -13.36
C ILE A 201 19.84 16.83 -12.67
N MET A 202 19.43 15.60 -13.00
CA MET A 202 19.98 14.42 -12.32
C MET A 202 21.47 14.27 -12.60
N ILE A 203 21.90 14.64 -13.81
CA ILE A 203 23.32 14.57 -14.17
C ILE A 203 24.14 15.55 -13.32
N LYS A 204 23.71 16.81 -13.25
CA LYS A 204 24.42 17.78 -12.44
C LYS A 204 24.47 17.34 -10.97
N ASP A 205 23.39 16.70 -10.50
CA ASP A 205 23.40 16.18 -9.13
C ASP A 205 24.39 15.03 -8.98
N LEU A 206 24.45 14.11 -9.96
CA LEU A 206 25.43 13.02 -9.90
C LEU A 206 26.86 13.56 -9.95
N ALA A 207 27.09 14.62 -10.74
CA ALA A 207 28.43 15.21 -10.84
C ALA A 207 29.05 15.45 -9.48
N GLU A 208 28.26 15.91 -8.50
CA GLU A 208 28.79 16.29 -7.20
C GLU A 208 29.48 15.13 -6.50
N ILE A 209 28.99 13.90 -6.69
CA ILE A 209 29.63 12.74 -6.08
C ILE A 209 31.09 12.63 -6.53
N GLY A 210 31.40 13.06 -7.76
CA GLY A 210 32.71 12.86 -8.34
C GLY A 210 33.04 11.43 -8.69
N ASN A 211 33.92 11.23 -9.68
CA ASN A 211 34.43 9.90 -10.03
C ASN A 211 33.31 8.98 -10.53
N ILE A 212 32.52 9.52 -11.45
CA ILE A 212 31.23 8.94 -11.78
C ILE A 212 30.97 9.20 -13.25
N SER A 213 30.85 8.12 -14.03
CA SER A 213 30.59 8.24 -15.46
C SER A 213 29.25 7.64 -15.82
N VAL A 214 28.70 8.12 -16.93
CA VAL A 214 27.35 7.81 -17.35
C VAL A 214 27.35 7.57 -18.85
N ASN A 215 26.40 6.78 -19.32
CA ASN A 215 26.06 6.71 -20.74
C ASN A 215 24.55 6.70 -20.85
N LEU A 216 24.04 6.71 -22.08
CA LEU A 216 22.62 6.86 -22.32
C LEU A 216 22.16 5.82 -23.32
N VAL A 217 21.17 5.02 -22.93
CA VAL A 217 20.54 4.03 -23.81
C VAL A 217 19.08 4.43 -23.97
N GLY A 218 18.61 4.44 -25.21
CA GLY A 218 17.20 4.58 -25.49
C GLY A 218 16.64 3.23 -25.92
N PHE A 219 15.35 3.05 -25.71
CA PHE A 219 14.74 1.83 -26.19
C PHE A 219 13.29 2.12 -26.50
N SER A 220 12.79 1.49 -27.55
CA SER A 220 11.38 1.45 -27.81
C SER A 220 11.08 0.10 -28.42
N THR A 221 10.76 0.07 -29.72
CA THR A 221 10.63 -1.20 -30.41
C THR A 221 11.90 -2.03 -30.23
N SER A 222 13.05 -1.37 -30.22
CA SER A 222 14.31 -2.01 -29.90
C SER A 222 15.22 -0.92 -29.38
N ALA A 223 16.39 -1.31 -28.91
CA ALA A 223 17.25 -0.40 -28.16
C ALA A 223 18.28 0.25 -29.08
N LYS A 224 18.78 1.40 -28.64
CA LYS A 224 19.80 2.16 -29.36
C LYS A 224 20.67 2.88 -28.34
N TYR A 225 21.97 2.98 -28.63
CA TYR A 225 22.85 3.81 -27.84
C TYR A 225 22.68 5.26 -28.28
N ILE A 226 22.19 6.13 -27.39
CA ILE A 226 22.19 7.55 -27.68
C ILE A 226 23.59 8.11 -27.46
N GLN A 227 24.22 7.71 -26.38
CA GLN A 227 25.65 7.89 -26.19
C GLN A 227 26.16 6.56 -25.66
N GLN A 228 26.93 5.85 -26.49
CA GLN A 228 27.36 4.51 -26.12
C GLN A 228 28.48 4.54 -25.09
N ASN A 229 29.45 5.40 -25.26
CA ASN A 229 30.59 5.40 -24.34
C ASN A 229 30.28 6.27 -23.13
N PHE A 230 31.04 6.04 -22.06
CA PHE A 230 30.76 6.65 -20.76
C PHE A 230 31.53 7.97 -20.60
N SER A 231 30.78 9.06 -20.38
CA SER A 231 31.39 10.34 -20.03
C SER A 231 31.68 10.40 -18.54
N ASN A 232 32.92 10.70 -18.19
CA ASN A 232 33.22 11.09 -16.81
C ASN A 232 32.75 12.53 -16.60
N LEU A 233 31.92 12.74 -15.58
CA LEU A 233 31.38 14.07 -15.35
C LEU A 233 32.42 15.02 -14.78
N ASP A 234 33.48 14.51 -14.15
CA ASP A 234 34.56 15.37 -13.67
C ASP A 234 35.32 16.04 -14.80
N ASN A 235 35.16 15.54 -16.04
CA ASN A 235 35.71 16.18 -17.21
C ASN A 235 34.66 16.97 -17.97
N GLY A 236 33.46 17.12 -17.42
CA GLY A 236 32.44 17.88 -18.11
C GLY A 236 31.06 17.29 -18.17
N THR A 237 30.14 17.92 -17.43
CA THR A 237 28.71 17.73 -17.59
C THR A 237 28.25 18.00 -19.02
N ASN A 238 29.11 18.65 -19.82
CA ASN A 238 28.64 19.38 -20.99
C ASN A 238 28.27 18.45 -22.14
N THR A 239 29.07 17.43 -22.39
CA THR A 239 28.88 16.65 -23.59
C THR A 239 27.61 15.79 -23.51
N ILE A 240 27.25 15.31 -22.31
CA ILE A 240 26.04 14.49 -22.22
C ILE A 240 24.78 15.35 -22.19
N ILE A 241 24.83 16.49 -21.49
CA ILE A 241 23.65 17.36 -21.45
C ILE A 241 23.29 17.83 -22.85
N ALA A 242 24.30 17.98 -23.71
CA ALA A 242 24.04 18.30 -25.11
C ALA A 242 23.23 17.18 -25.77
N THR A 243 23.60 15.93 -25.51
CA THR A 243 22.86 14.80 -26.09
C THR A 243 21.41 14.77 -25.60
N ILE A 244 21.22 14.89 -24.28
CA ILE A 244 19.89 14.73 -23.72
C ILE A 244 18.96 15.80 -24.24
N THR A 245 19.47 17.02 -24.47
CA THR A 245 18.58 18.10 -24.89
C THR A 245 18.50 18.29 -26.40
N LYS A 246 19.46 17.77 -27.17
CA LYS A 246 19.34 17.75 -28.62
C LYS A 246 18.07 17.01 -29.03
N ARG A 247 17.27 17.62 -29.91
CA ARG A 247 15.91 17.12 -30.14
C ARG A 247 15.79 16.21 -31.35
N GLU A 248 16.87 15.93 -32.05
CA GLU A 248 16.87 14.77 -32.93
C GLU A 248 17.06 13.46 -32.16
N ASN A 249 17.52 13.54 -30.91
CA ASN A 249 17.66 12.41 -30.01
C ASN A 249 16.40 12.22 -29.16
N LEU A 250 16.27 11.01 -28.61
CA LEU A 250 15.14 10.65 -27.74
C LEU A 250 13.80 11.01 -28.39
N ASN A 251 13.72 10.84 -29.69
CA ASN A 251 12.50 11.18 -30.39
C ASN A 251 11.47 10.07 -30.20
N PRO A 252 10.27 10.37 -29.67
CA PRO A 252 9.34 9.29 -29.32
C PRO A 252 8.81 8.60 -30.57
N ASP A 253 8.87 7.26 -30.55
CA ASP A 253 8.40 6.40 -31.64
C ASP A 253 8.60 4.92 -31.29
N GLY A 254 7.64 4.05 -31.65
CA GLY A 254 7.75 2.62 -31.39
C GLY A 254 6.98 2.13 -30.18
N VAL A 255 7.20 0.86 -29.85
CA VAL A 255 6.57 0.19 -28.72
C VAL A 255 7.58 0.08 -27.56
N THR A 256 7.37 -0.84 -26.63
CA THR A 256 8.11 -0.86 -25.36
C THR A 256 8.80 -2.20 -25.18
N ASN A 257 10.11 -2.23 -25.36
CA ASN A 257 10.92 -3.46 -25.32
C ASN A 257 11.99 -3.26 -24.25
N PRO A 258 11.60 -3.29 -22.98
CA PRO A 258 12.58 -3.00 -21.92
C PRO A 258 13.71 -4.02 -21.84
N GLY A 259 13.44 -5.29 -22.15
CA GLY A 259 14.54 -6.25 -22.18
C GLY A 259 15.68 -5.82 -23.07
N ASP A 260 15.38 -5.34 -24.30
CA ASP A 260 16.48 -4.94 -25.18
C ASP A 260 17.20 -3.72 -24.63
N GLY A 261 16.45 -2.76 -24.08
CA GLY A 261 17.10 -1.61 -23.48
C GLY A 261 18.04 -2.03 -22.36
N LEU A 262 17.58 -2.97 -21.53
CA LEU A 262 18.37 -3.45 -20.40
C LEU A 262 19.60 -4.20 -20.88
N ARG A 263 19.47 -4.92 -22.00
CA ARG A 263 20.62 -5.61 -22.57
C ARG A 263 21.71 -4.63 -22.96
N TYR A 264 21.35 -3.58 -23.69
CA TYR A 264 22.35 -2.58 -24.06
C TYR A 264 22.96 -1.95 -22.82
N GLY A 265 22.12 -1.58 -21.84
CA GLY A 265 22.63 -1.00 -20.62
C GLY A 265 23.63 -1.89 -19.92
N MET A 266 23.26 -3.16 -19.70
CA MET A 266 24.10 -4.02 -18.87
C MET A 266 25.40 -4.39 -19.58
N ILE A 267 25.36 -4.64 -20.90
CA ILE A 267 26.63 -5.04 -21.52
C ILE A 267 27.59 -3.86 -21.58
N SER A 268 27.08 -2.64 -21.82
CA SER A 268 27.96 -1.48 -21.78
C SER A 268 28.53 -1.28 -20.37
N LEU A 269 27.78 -1.63 -19.33
CA LEU A 269 28.31 -1.55 -17.96
C LEU A 269 29.38 -2.61 -17.72
N GLN A 270 29.23 -3.79 -18.31
CA GLN A 270 30.23 -4.83 -18.13
C GLN A 270 31.61 -4.37 -18.62
N SER A 271 31.66 -3.50 -19.61
CA SER A 271 32.91 -3.06 -20.19
C SER A 271 33.48 -1.84 -19.51
N GLN A 272 32.86 -1.36 -18.44
CA GLN A 272 33.40 -0.23 -17.69
C GLN A 272 34.13 -0.72 -16.46
N PRO A 273 35.22 -0.05 -16.07
CA PRO A 273 36.04 -0.57 -14.97
C PRO A 273 35.48 -0.31 -13.58
N ALA A 274 34.58 0.66 -13.44
CA ALA A 274 33.99 1.08 -12.16
C ALA A 274 33.65 -0.07 -11.23
N GLN A 275 33.78 0.14 -9.93
CA GLN A 275 33.45 -0.90 -8.98
C GLN A 275 32.00 -0.83 -8.49
N LEU A 276 31.34 0.32 -8.65
CA LEU A 276 29.90 0.44 -8.41
C LEU A 276 29.23 0.70 -9.75
N LYS A 277 28.28 -0.17 -10.11
CA LYS A 277 27.60 -0.10 -11.41
C LYS A 277 26.10 -0.06 -11.24
N TYR A 278 25.44 0.76 -12.04
CA TYR A 278 24.03 1.06 -11.85
C TYR A 278 23.29 1.12 -13.17
N ILE A 279 22.09 0.57 -13.20
CA ILE A 279 21.11 0.84 -14.25
C ILE A 279 19.98 1.70 -13.69
N VAL A 280 19.62 2.75 -14.41
CA VAL A 280 18.43 3.52 -14.11
C VAL A 280 17.54 3.39 -15.32
N LEU A 281 16.47 2.63 -15.16
CA LEU A 281 15.59 2.30 -16.27
C LEU A 281 14.29 3.05 -16.08
N LEU A 282 13.87 3.80 -17.10
CA LEU A 282 12.64 4.57 -17.05
C LEU A 282 11.70 4.05 -18.12
N THR A 283 10.46 3.73 -17.75
CA THR A 283 9.48 3.29 -18.71
C THR A 283 8.13 3.89 -18.38
N ASP A 284 7.31 4.08 -19.42
CA ASP A 284 6.01 4.72 -19.31
C ASP A 284 4.87 3.85 -19.82
N GLY A 285 5.11 2.55 -19.99
CA GLY A 285 4.08 1.74 -20.62
C GLY A 285 4.21 0.26 -20.28
N ILE A 286 3.15 -0.46 -20.58
CA ILE A 286 3.17 -1.90 -20.37
C ILE A 286 4.17 -2.54 -21.33
N PRO A 287 5.06 -3.40 -20.84
CA PRO A 287 5.93 -4.18 -21.75
C PRO A 287 5.12 -4.90 -22.81
N ASN A 288 5.52 -4.72 -24.07
CA ASN A 288 4.73 -5.34 -25.14
C ASN A 288 5.60 -5.73 -26.32
N ALA A 289 6.91 -5.90 -26.14
CA ALA A 289 7.79 -6.27 -27.24
C ALA A 289 9.00 -7.02 -26.68
N TYR A 290 9.58 -7.88 -27.52
CA TYR A 290 10.77 -8.65 -27.16
C TYR A 290 11.43 -9.08 -28.46
N LEU A 291 12.71 -9.44 -28.38
CA LEU A 291 13.46 -9.97 -29.52
C LEU A 291 13.71 -11.45 -29.34
N VAL A 292 13.61 -12.23 -30.43
CA VAL A 292 13.97 -13.63 -30.36
C VAL A 292 15.31 -13.85 -31.05
N ASP A 293 15.99 -14.90 -30.60
CA ASP A 293 17.16 -15.43 -31.28
C ASP A 293 16.75 -15.99 -32.65
N SER A 294 17.66 -15.94 -33.62
CA SER A 294 17.34 -16.49 -34.95
C SER A 294 16.92 -17.97 -34.86
N ARG A 295 17.42 -18.71 -33.87
CA ARG A 295 17.00 -20.10 -33.64
C ARG A 295 15.49 -20.26 -33.59
N ALA A 296 14.76 -19.20 -33.25
CA ALA A 296 13.31 -19.31 -33.06
C ALA A 296 12.55 -19.17 -34.36
N LEU A 297 13.23 -18.83 -35.46
CA LEU A 297 12.65 -18.69 -36.80
C LEU A 297 12.57 -20.06 -37.50
N TYR A 298 11.59 -20.85 -37.10
CA TYR A 298 11.33 -22.15 -37.69
C TYR A 298 9.84 -22.32 -37.87
N ALA A 299 9.47 -23.19 -38.80
CA ALA A 299 8.17 -23.86 -38.86
C ALA A 299 6.97 -22.96 -38.57
N GLY A 300 6.12 -23.38 -37.65
CA GLY A 300 5.00 -22.56 -37.25
C GLY A 300 5.23 -21.94 -35.89
N ASN A 301 6.43 -21.42 -35.67
CA ASN A 301 6.72 -20.77 -34.40
C ASN A 301 6.22 -19.34 -34.37
N ARG A 302 6.43 -18.60 -35.46
CA ARG A 302 6.03 -17.22 -35.58
C ARG A 302 4.61 -17.16 -36.15
N VAL A 303 3.68 -16.63 -35.38
CA VAL A 303 2.32 -16.40 -35.85
C VAL A 303 2.12 -14.90 -36.01
N ASP A 304 1.76 -14.51 -37.23
CA ASP A 304 1.73 -13.13 -37.69
C ASP A 304 0.26 -12.68 -37.73
N LEU A 305 -0.19 -12.07 -36.64
CA LEU A 305 -1.52 -11.47 -36.58
C LEU A 305 -1.45 -9.96 -36.79
N SER A 306 -0.48 -9.49 -37.58
CA SER A 306 -0.11 -8.07 -37.52
C SER A 306 -1.14 -7.16 -38.17
N GLN A 307 -1.79 -7.62 -39.25
CA GLN A 307 -2.68 -6.71 -39.97
C GLN A 307 -4.10 -6.72 -39.38
N GLY A 308 -4.51 -7.84 -38.80
CA GLY A 308 -5.87 -7.93 -38.30
C GLY A 308 -5.99 -8.07 -36.80
N ALA A 309 -4.91 -7.77 -36.08
CA ALA A 309 -4.95 -7.84 -34.62
C ALA A 309 -3.83 -7.02 -34.01
N GLY A 310 -2.90 -6.56 -34.85
CA GLY A 310 -1.81 -5.69 -34.41
C GLY A 310 -0.76 -6.37 -33.55
N ARG A 311 -0.43 -7.64 -33.83
CA ARG A 311 0.61 -8.29 -33.06
C ARG A 311 1.25 -9.44 -33.82
N VAL A 312 2.48 -9.74 -33.43
CA VAL A 312 3.23 -10.90 -33.90
C VAL A 312 3.80 -11.60 -32.69
N THR A 313 3.56 -12.90 -32.58
CA THR A 313 4.00 -13.61 -31.40
C THR A 313 4.72 -14.89 -31.79
N PHE A 314 5.54 -15.38 -30.86
CA PHE A 314 6.26 -16.64 -31.04
C PHE A 314 5.71 -17.63 -30.02
N ASN A 315 5.25 -18.78 -30.55
CA ASN A 315 4.74 -19.86 -29.69
C ASN A 315 5.78 -20.31 -28.70
N ASN A 316 7.02 -20.51 -29.16
CA ASN A 316 8.16 -20.84 -28.30
C ASN A 316 9.23 -19.76 -28.48
N PRO A 317 9.25 -18.75 -27.64
CA PRO A 317 10.29 -17.73 -27.78
C PRO A 317 11.64 -18.26 -27.32
N ILE A 318 12.67 -17.96 -28.08
CA ILE A 318 14.03 -18.10 -27.62
C ILE A 318 14.57 -16.69 -27.64
N TYR A 319 14.78 -16.12 -26.46
CA TYR A 319 15.13 -14.72 -26.39
C TYR A 319 16.47 -14.45 -27.03
N ASP A 320 16.59 -13.29 -27.67
CA ASP A 320 17.85 -12.79 -28.16
C ASP A 320 18.70 -12.31 -27.00
N LEU A 321 19.52 -13.21 -26.48
CA LEU A 321 20.49 -12.94 -25.43
C LEU A 321 21.90 -12.77 -25.96
N SER A 322 22.07 -12.46 -27.24
CA SER A 322 23.43 -12.40 -27.76
C SER A 322 24.15 -11.15 -27.27
N PRO A 323 25.47 -11.23 -27.05
CA PRO A 323 26.26 -10.01 -26.85
C PRO A 323 26.41 -9.21 -28.12
N THR A 324 26.02 -9.77 -29.26
CA THR A 324 26.03 -9.05 -30.53
C THR A 324 24.69 -8.32 -30.64
N LEU A 325 24.74 -7.00 -30.72
CA LEU A 325 23.54 -6.19 -30.56
C LEU A 325 22.96 -5.91 -31.94
N GLY A 326 21.80 -6.46 -32.23
CA GLY A 326 21.21 -6.24 -33.53
C GLY A 326 19.72 -6.34 -33.45
N TYR A 327 19.07 -5.71 -34.42
CA TYR A 327 17.63 -5.71 -34.57
C TYR A 327 17.26 -6.19 -35.97
N GLU A 328 16.19 -6.96 -36.07
CA GLU A 328 15.56 -7.30 -37.34
C GLU A 328 14.08 -7.41 -37.09
N TYR A 329 13.27 -6.91 -38.03
CA TYR A 329 11.82 -6.99 -37.84
C TYR A 329 11.34 -8.44 -37.73
N SER A 330 12.01 -9.37 -38.42
CA SER A 330 11.56 -10.76 -38.34
C SER A 330 11.78 -11.37 -36.95
N ARG A 331 12.62 -10.77 -36.11
CA ARG A 331 12.85 -11.35 -34.80
C ARG A 331 12.01 -10.71 -33.70
N LEU A 332 11.05 -9.86 -34.07
CA LEU A 332 10.36 -8.99 -33.13
C LEU A 332 9.02 -9.61 -32.74
N GLY A 333 8.85 -9.87 -31.45
CA GLY A 333 7.53 -10.11 -30.90
C GLY A 333 6.98 -8.79 -30.40
N TYR A 334 5.69 -8.54 -30.66
CA TYR A 334 5.10 -7.29 -30.20
C TYR A 334 3.58 -7.33 -30.31
N ASP A 335 2.95 -6.46 -29.52
CA ASP A 335 1.50 -6.29 -29.52
C ASP A 335 1.22 -4.78 -29.44
N LEU A 336 0.77 -4.19 -30.55
CA LEU A 336 0.52 -2.75 -30.59
C LEU A 336 -0.56 -2.30 -29.61
N TYR A 337 -1.47 -3.17 -29.22
CA TYR A 337 -2.55 -2.78 -28.34
C TYR A 337 -2.30 -3.08 -26.87
N SER A 338 -1.17 -3.74 -26.53
CA SER A 338 -0.79 -4.06 -25.14
C SER A 338 -1.93 -4.71 -24.36
N ARG A 339 -2.60 -5.68 -24.99
CA ARG A 339 -3.72 -6.40 -24.39
C ARG A 339 -3.52 -7.93 -24.31
N ASP A 340 -2.65 -8.51 -25.11
CA ASP A 340 -2.44 -9.95 -25.12
C ASP A 340 -1.56 -10.38 -23.95
N SER A 341 -2.14 -11.14 -23.01
CA SER A 341 -1.42 -11.56 -21.81
C SER A 341 -0.10 -12.25 -22.10
N ILE A 342 -0.06 -13.11 -23.14
CA ILE A 342 1.15 -13.87 -23.46
C ILE A 342 2.29 -12.96 -23.85
N THR A 343 2.01 -12.03 -24.78
CA THR A 343 3.06 -11.12 -25.21
C THR A 343 3.59 -10.29 -24.05
N ARG A 344 2.72 -9.89 -23.12
CA ARG A 344 3.18 -9.11 -21.99
C ARG A 344 4.11 -9.95 -21.13
N GLU A 345 3.67 -11.16 -20.80
CA GLU A 345 4.51 -12.11 -20.08
C GLU A 345 5.85 -12.34 -20.79
N ASN A 346 5.85 -12.51 -22.12
CA ASN A 346 7.12 -12.76 -22.82
C ASN A 346 8.03 -11.53 -22.80
N SER A 347 7.44 -10.34 -22.84
CA SER A 347 8.22 -9.10 -22.78
C SER A 347 8.88 -8.92 -21.42
N ILE A 348 8.17 -9.27 -20.34
CA ILE A 348 8.73 -9.14 -19.01
C ILE A 348 9.78 -10.22 -18.79
N ALA A 349 9.53 -11.44 -19.28
CA ALA A 349 10.49 -12.52 -19.10
C ALA A 349 11.78 -12.27 -19.86
N TYR A 350 11.70 -11.61 -21.01
CA TYR A 350 12.90 -11.24 -21.76
C TYR A 350 13.84 -10.42 -20.89
N ALA A 351 13.28 -9.43 -20.18
CA ALA A 351 14.09 -8.59 -19.31
C ALA A 351 14.71 -9.40 -18.18
N GLY A 352 13.99 -10.40 -17.67
CA GLY A 352 14.58 -11.25 -16.66
C GLY A 352 15.69 -12.12 -17.22
N GLU A 353 15.51 -12.67 -18.43
CA GLU A 353 16.59 -13.45 -19.02
C GLU A 353 17.82 -12.59 -19.27
N VAL A 354 17.61 -11.34 -19.73
CA VAL A 354 18.74 -10.44 -19.95
C VAL A 354 19.47 -10.18 -18.65
N SER A 355 18.71 -9.95 -17.57
CA SER A 355 19.33 -9.66 -16.28
C SER A 355 20.18 -10.81 -15.77
N LYS A 356 19.70 -12.04 -15.93
CA LYS A 356 20.47 -13.19 -15.49
C LYS A 356 21.77 -13.33 -16.27
N LYS A 357 21.75 -13.03 -17.56
CA LYS A 357 22.97 -13.21 -18.34
C LYS A 357 23.95 -12.05 -18.17
N PHE A 358 23.46 -10.81 -18.10
CA PHE A 358 24.32 -9.63 -18.24
C PHE A 358 24.49 -8.83 -16.94
N GLY A 359 23.93 -9.28 -15.84
CA GLY A 359 23.89 -8.43 -14.66
C GLY A 359 24.91 -8.71 -13.57
N LEU A 360 25.96 -9.46 -13.90
CA LEU A 360 26.87 -9.97 -12.86
C LEU A 360 27.54 -8.84 -12.07
N GLY A 361 28.06 -7.84 -12.75
CA GLY A 361 28.74 -6.91 -11.86
C GLY A 361 27.91 -5.82 -11.22
N ILE A 362 26.58 -5.87 -11.34
CA ILE A 362 25.78 -4.67 -11.21
C ILE A 362 25.26 -4.53 -9.78
N LYS A 363 25.44 -3.34 -9.22
CA LYS A 363 25.06 -3.11 -7.82
C LYS A 363 23.55 -3.03 -7.66
N ARG A 364 22.87 -2.25 -8.49
CA ARG A 364 21.43 -2.10 -8.32
C ARG A 364 20.81 -1.67 -9.64
N VAL A 365 19.60 -2.16 -9.90
CA VAL A 365 18.76 -1.65 -10.98
C VAL A 365 17.61 -0.86 -10.36
N ASN A 366 17.53 0.42 -10.70
CA ASN A 366 16.39 1.28 -10.37
C ASN A 366 15.45 1.33 -11.56
N VAL A 367 14.19 1.04 -11.33
CA VAL A 367 13.14 1.15 -12.34
C VAL A 367 12.17 2.24 -11.94
N ILE A 368 11.88 3.14 -12.88
CA ILE A 368 10.98 4.25 -12.66
C ILE A 368 9.80 4.08 -13.60
N GLY A 369 8.63 3.80 -13.05
CA GLY A 369 7.36 3.98 -13.74
C GLY A 369 6.97 5.45 -13.82
N PHE A 370 6.97 6.02 -15.02
CA PHE A 370 6.74 7.45 -15.23
C PHE A 370 5.49 7.63 -16.09
N SER A 371 4.34 7.70 -15.44
CA SER A 371 3.08 7.96 -16.13
C SER A 371 2.05 8.42 -15.12
N GLY A 372 1.19 9.34 -15.53
CA GLY A 372 0.00 9.68 -14.78
C GLY A 372 -1.17 8.77 -15.05
N VAL A 373 -0.99 7.80 -15.93
CA VAL A 373 -2.05 6.88 -16.31
C VAL A 373 -1.79 5.57 -15.58
N ASN A 374 -2.72 5.25 -14.66
CA ASN A 374 -2.56 4.09 -13.77
C ASN A 374 -2.14 2.83 -14.49
N HIS A 375 -2.88 2.44 -15.53
CA HIS A 375 -2.68 1.12 -16.10
C HIS A 375 -1.42 1.04 -16.94
N GLU A 376 -0.83 2.18 -17.32
CA GLU A 376 0.38 2.13 -18.12
C GLU A 376 1.58 1.71 -17.28
N ILE A 377 1.56 1.96 -15.98
CA ILE A 377 2.69 1.57 -15.18
C ILE A 377 2.31 0.44 -14.22
N ALA A 378 1.21 -0.25 -14.49
CA ALA A 378 0.75 -1.35 -13.63
C ALA A 378 1.66 -2.59 -13.66
N TYR A 379 2.67 -2.63 -14.52
CA TYR A 379 3.62 -3.74 -14.49
C TYR A 379 5.02 -3.27 -14.15
N GLY A 380 5.13 -2.05 -13.62
CA GLY A 380 6.45 -1.54 -13.25
C GLY A 380 7.09 -2.39 -12.17
N GLN A 381 6.35 -2.68 -11.09
CA GLN A 381 6.87 -3.52 -10.02
C GLN A 381 7.14 -4.93 -10.52
N SER A 382 6.25 -5.44 -11.37
CA SER A 382 6.39 -6.78 -11.91
C SER A 382 7.67 -6.89 -12.76
N LEU A 383 7.93 -5.90 -13.61
CA LEU A 383 9.15 -5.85 -14.40
C LEU A 383 10.39 -5.85 -13.52
N THR A 384 10.39 -4.98 -12.50
CA THR A 384 11.51 -4.87 -11.56
C THR A 384 11.78 -6.20 -10.87
N ASP A 385 10.72 -6.85 -10.38
CA ASP A 385 10.88 -8.12 -9.69
C ASP A 385 11.49 -9.18 -10.60
N ARG A 386 11.06 -9.23 -11.87
CA ARG A 386 11.68 -10.16 -12.80
C ARG A 386 13.15 -9.82 -13.04
N ILE A 387 13.46 -8.54 -13.23
CA ILE A 387 14.87 -8.14 -13.35
C ILE A 387 15.66 -8.59 -12.12
N GLY A 388 15.01 -8.63 -10.95
CA GLY A 388 15.61 -9.09 -9.70
C GLY A 388 16.04 -10.56 -9.69
N GLU A 389 15.46 -11.38 -10.56
CA GLU A 389 15.97 -12.75 -10.72
C GLU A 389 17.44 -12.78 -11.10
N GLY A 390 17.99 -11.71 -11.68
CA GLY A 390 19.40 -11.69 -11.96
C GLY A 390 20.32 -11.52 -10.75
N GLY A 391 19.76 -11.42 -9.53
CA GLY A 391 20.54 -11.48 -8.30
C GLY A 391 21.02 -10.16 -7.73
N MET A 392 20.85 -9.04 -8.43
CA MET A 392 21.26 -7.76 -7.87
C MET A 392 20.10 -7.13 -7.11
N GLU A 393 20.42 -6.08 -6.35
CA GLU A 393 19.37 -5.28 -5.73
C GLU A 393 18.53 -4.60 -6.80
N THR A 394 17.22 -4.54 -6.58
CA THR A 394 16.32 -3.80 -7.45
C THR A 394 15.40 -2.94 -6.61
N LYS A 395 14.89 -1.88 -7.22
CA LYS A 395 13.99 -0.97 -6.53
C LYS A 395 13.07 -0.35 -7.56
N TYR A 396 11.77 -0.51 -7.37
CA TYR A 396 10.76 0.12 -8.22
C TYR A 396 10.17 1.35 -7.55
N VAL A 397 9.99 2.42 -8.33
CA VAL A 397 9.35 3.64 -7.90
C VAL A 397 8.46 4.14 -9.03
N SER A 398 7.24 4.57 -8.70
CA SER A 398 6.37 5.24 -9.68
C SER A 398 6.42 6.73 -9.47
N ALA A 399 6.54 7.47 -10.57
CA ALA A 399 6.55 8.92 -10.59
C ALA A 399 5.40 9.35 -11.48
N THR A 400 4.32 9.81 -10.86
CA THR A 400 3.12 10.16 -11.61
C THR A 400 3.03 11.64 -11.97
N ASN A 401 4.01 12.46 -11.59
CA ASN A 401 4.00 13.86 -12.01
C ASN A 401 5.43 14.38 -12.09
N GLU A 402 5.55 15.65 -12.48
CA GLU A 402 6.85 16.23 -12.79
C GLU A 402 7.77 16.27 -11.57
N GLU A 403 7.22 16.45 -10.37
CA GLU A 403 8.08 16.57 -9.19
C GLU A 403 8.33 15.23 -8.51
N ALA A 404 7.45 14.26 -8.69
CA ALA A 404 7.78 12.90 -8.30
C ALA A 404 9.04 12.45 -9.04
N LEU A 405 9.13 12.73 -10.34
CA LEU A 405 10.30 12.31 -11.09
C LEU A 405 11.57 12.96 -10.55
N GLN A 406 11.54 14.28 -10.32
CA GLN A 406 12.72 14.95 -9.78
C GLN A 406 13.08 14.42 -8.38
N LYS A 407 12.08 14.12 -7.56
CA LYS A 407 12.37 13.52 -6.27
C LYS A 407 12.99 12.12 -6.42
N THR A 408 12.42 11.29 -7.30
CA THR A 408 12.99 9.96 -7.53
C THR A 408 14.44 10.03 -8.01
N PHE A 409 14.73 10.95 -8.94
CA PHE A 409 16.10 11.14 -9.38
C PHE A 409 17.00 11.54 -8.21
N SER A 410 16.56 12.50 -7.39
CA SER A 410 17.37 12.96 -6.26
C SER A 410 17.62 11.83 -5.27
N ASP A 411 16.57 11.06 -4.96
CA ASP A 411 16.73 9.92 -4.07
C ASP A 411 17.73 8.90 -4.63
N ILE A 412 17.74 8.70 -5.95
CA ILE A 412 18.68 7.73 -6.52
C ILE A 412 20.10 8.24 -6.37
N LYS A 413 20.32 9.53 -6.63
CA LYS A 413 21.61 10.15 -6.34
C LYS A 413 22.01 9.94 -4.88
N LYS A 414 21.12 10.29 -3.95
CA LYS A 414 21.42 10.14 -2.54
C LYS A 414 21.82 8.70 -2.20
N GLN A 415 21.18 7.72 -2.85
CA GLN A 415 21.45 6.34 -2.51
C GLN A 415 22.76 5.85 -3.11
N ILE A 416 23.17 6.39 -4.27
CA ILE A 416 24.46 6.01 -4.84
C ILE A 416 25.58 6.61 -3.99
N GLN A 417 25.44 7.89 -3.65
CA GLN A 417 26.36 8.53 -2.71
C GLN A 417 26.55 7.69 -1.46
N GLN A 418 25.48 7.07 -0.96
CA GLN A 418 25.59 6.29 0.26
C GLN A 418 26.19 4.90 0.06
N ASP A 419 25.94 4.26 -1.08
CA ASP A 419 26.72 3.06 -1.42
C ASP A 419 28.20 3.39 -1.48
N LEU A 420 28.54 4.52 -2.11
CA LEU A 420 29.93 4.95 -2.21
C LEU A 420 30.56 5.11 -0.84
N TRP A 421 29.92 5.89 0.04
CA TRP A 421 30.39 6.03 1.42
C TRP A 421 30.53 4.68 2.09
N PHE A 422 29.53 3.82 1.92
CA PHE A 422 29.51 2.56 2.67
C PHE A 422 30.62 1.60 2.22
N VAL A 423 31.04 1.69 0.96
CA VAL A 423 32.03 0.74 0.45
C VAL A 423 33.45 1.26 0.66
N SER A 424 33.65 2.58 0.63
CA SER A 424 34.91 3.13 1.09
C SER A 424 35.12 2.92 2.58
N GLY A 425 34.05 2.62 3.32
CA GLY A 425 34.13 2.48 4.75
C GLY A 425 35.06 1.38 5.22
N PRO A 426 35.23 1.28 6.54
CA PRO A 426 36.09 0.28 7.18
C PRO A 426 35.66 -1.16 6.92
N GLU B 7 -10.09 0.23 57.70
CA GLU B 7 -10.78 -0.96 58.17
C GLU B 7 -12.26 -0.79 57.84
N ARG B 8 -12.82 0.38 58.18
CA ARG B 8 -14.19 0.67 57.78
C ARG B 8 -14.26 1.19 56.36
N GLU B 9 -13.10 1.48 55.75
CA GLU B 9 -13.03 1.62 54.30
C GLU B 9 -13.04 0.27 53.60
N ALA B 10 -12.49 -0.77 54.24
CA ALA B 10 -12.40 -2.09 53.62
C ALA B 10 -13.76 -2.63 53.22
N SER B 11 -14.83 -2.19 53.87
CA SER B 11 -16.18 -2.59 53.49
C SER B 11 -16.68 -1.86 52.26
N ILE B 12 -16.17 -0.65 51.99
CA ILE B 12 -16.48 0.04 50.74
C ILE B 12 -15.83 -0.68 49.57
N GLN B 13 -14.58 -1.10 49.75
CA GLN B 13 -13.87 -1.87 48.75
C GLN B 13 -14.63 -3.14 48.38
N ALA B 14 -15.18 -3.83 49.39
CA ALA B 14 -15.93 -5.05 49.13
C ALA B 14 -17.27 -4.77 48.48
N GLU B 15 -17.88 -3.62 48.77
CA GLU B 15 -19.16 -3.30 48.13
C GLU B 15 -18.98 -3.04 46.64
N MET B 16 -17.90 -2.33 46.27
CA MET B 16 -17.67 -2.09 44.84
C MET B 16 -17.41 -3.39 44.09
N ARG B 17 -16.63 -4.32 44.67
CA ARG B 17 -16.41 -5.60 44.00
C ARG B 17 -17.72 -6.36 43.79
N THR B 18 -18.60 -6.37 44.80
CA THR B 18 -19.86 -7.09 44.63
C THR B 18 -20.76 -6.40 43.61
N SER B 19 -20.79 -5.07 43.65
CA SER B 19 -21.50 -4.32 42.63
C SER B 19 -21.00 -4.66 41.23
N MET B 20 -19.68 -4.76 41.06
CA MET B 20 -19.11 -5.09 39.76
C MET B 20 -19.40 -6.53 39.38
N GLN B 21 -19.44 -7.43 40.36
CA GLN B 21 -19.83 -8.82 40.09
C GLN B 21 -21.28 -8.89 39.63
N TYR B 22 -22.15 -8.04 40.20
CA TYR B 22 -23.52 -7.98 39.71
C TYR B 22 -23.57 -7.59 38.24
N VAL B 23 -22.90 -6.48 37.91
CA VAL B 23 -22.75 -6.07 36.50
C VAL B 23 -22.25 -7.22 35.65
N ASP B 24 -21.12 -7.84 36.06
CA ASP B 24 -20.57 -8.92 35.24
C ASP B 24 -21.54 -10.09 35.13
N ARG B 25 -22.33 -10.33 36.17
CA ARG B 25 -23.27 -11.44 36.12
C ARG B 25 -24.40 -11.14 35.15
N THR B 26 -24.99 -9.94 35.25
CA THR B 26 -26.07 -9.59 34.34
C THR B 26 -25.55 -9.37 32.92
N VAL B 27 -24.28 -8.96 32.77
CA VAL B 27 -23.67 -8.84 31.44
C VAL B 27 -23.44 -10.20 30.82
N GLY B 28 -23.06 -11.20 31.62
CA GLY B 28 -22.70 -12.52 31.15
C GLY B 28 -23.82 -13.32 30.52
N LYS B 29 -25.06 -12.86 30.66
CA LYS B 29 -26.21 -13.51 30.03
C LYS B 29 -26.85 -12.64 28.95
N ALA B 30 -26.10 -11.72 28.36
CA ALA B 30 -26.61 -10.86 27.30
C ALA B 30 -26.29 -11.45 25.94
N THR B 31 -27.24 -11.34 25.00
CA THR B 31 -27.00 -11.84 23.64
C THR B 31 -26.58 -10.74 22.68
N SER B 32 -26.58 -9.49 23.10
CA SER B 32 -25.96 -8.41 22.35
C SER B 32 -25.64 -7.30 23.32
N ILE B 33 -24.50 -6.65 23.14
CA ILE B 33 -23.99 -5.65 24.05
C ILE B 33 -23.56 -4.45 23.23
N PHE B 34 -23.89 -3.26 23.72
CA PHE B 34 -23.42 -2.00 23.14
C PHE B 34 -22.78 -1.20 24.26
N ILE B 35 -21.52 -0.82 24.08
CA ILE B 35 -20.89 0.14 24.97
C ILE B 35 -21.31 1.54 24.54
N LEU B 36 -21.75 2.35 25.49
CA LEU B 36 -22.34 3.66 25.20
C LEU B 36 -21.58 4.77 25.90
N ASP B 37 -21.42 5.90 25.19
CA ASP B 37 -20.89 7.13 25.76
C ASP B 37 -22.02 7.96 26.37
N ASP B 38 -21.67 9.06 27.05
CA ASP B 38 -22.71 9.81 27.78
C ASP B 38 -23.69 10.58 26.86
N SER B 39 -23.62 10.47 25.52
CA SER B 39 -24.66 11.06 24.69
C SER B 39 -25.93 10.22 24.68
N LYS B 40 -25.82 8.90 24.81
CA LYS B 40 -26.97 8.01 24.79
C LYS B 40 -27.28 7.40 26.16
N PHE B 41 -26.69 7.94 27.24
CA PHE B 41 -27.06 7.56 28.61
C PHE B 41 -26.62 8.66 29.57
N LYS B 42 -27.52 9.05 30.49
CA LYS B 42 -27.18 10.08 31.46
C LYS B 42 -27.73 9.79 32.85
N GLY B 43 -28.23 8.59 33.11
CA GLY B 43 -29.15 8.33 34.20
C GLY B 43 -30.56 8.20 33.66
N SER B 44 -31.53 8.54 34.51
CA SER B 44 -32.88 8.79 34.02
C SER B 44 -33.52 7.66 33.22
N LYS B 45 -34.53 7.99 32.40
CA LYS B 45 -35.04 7.07 31.39
C LYS B 45 -35.31 7.77 30.07
N GLN B 46 -34.95 9.04 29.94
CA GLN B 46 -35.13 9.70 28.64
C GLN B 46 -33.83 9.69 27.85
N GLY B 47 -33.99 9.77 26.52
CA GLY B 47 -32.97 9.33 25.62
C GLY B 47 -32.87 7.84 25.49
N LEU B 48 -33.62 7.09 26.30
CA LEU B 48 -33.48 5.63 26.37
C LEU B 48 -34.31 4.99 25.26
N THR B 49 -33.61 4.37 24.31
CA THR B 49 -34.23 3.50 23.33
C THR B 49 -34.93 2.33 24.00
N ARG B 50 -36.03 1.87 23.40
CA ARG B 50 -36.89 0.90 24.05
C ARG B 50 -36.63 -0.51 23.54
N GLU B 51 -36.96 -1.49 24.39
CA GLU B 51 -36.61 -2.91 24.30
C GLU B 51 -35.12 -3.17 24.47
N TRP B 52 -34.37 -2.17 24.93
CA TRP B 52 -32.98 -2.33 25.34
C TRP B 52 -32.87 -2.07 26.83
N SER B 53 -32.22 -2.98 27.55
CA SER B 53 -31.92 -2.79 28.96
C SER B 53 -30.55 -2.12 29.11
N TYR B 54 -30.35 -1.42 30.23
CA TYR B 54 -29.17 -0.59 30.41
C TYR B 54 -28.54 -0.79 31.78
N ILE B 55 -27.22 -0.62 31.85
CA ILE B 55 -26.48 -0.51 33.10
C ILE B 55 -25.66 0.76 33.01
N GLY B 56 -25.69 1.55 34.08
CA GLY B 56 -24.90 2.76 34.11
C GLY B 56 -25.13 3.49 35.41
N LEU B 57 -24.30 4.49 35.65
CA LEU B 57 -24.39 5.28 36.86
C LEU B 57 -25.64 6.17 36.85
N SER B 58 -26.06 6.54 38.06
CA SER B 58 -27.15 7.49 38.22
C SER B 58 -26.75 8.89 37.78
N ALA B 59 -27.73 9.79 37.80
CA ALA B 59 -27.45 11.20 37.54
C ALA B 59 -26.49 11.75 38.60
N ASP B 60 -26.80 11.51 39.88
CA ASP B 60 -25.96 11.96 40.97
C ASP B 60 -24.60 11.27 40.95
N GLY B 61 -24.45 10.27 40.10
CA GLY B 61 -23.20 9.53 39.98
C GLY B 61 -22.84 8.71 41.18
N LYS B 62 -23.81 8.45 42.06
CA LYS B 62 -23.52 7.85 43.37
C LYS B 62 -23.98 6.40 43.46
N LYS B 63 -24.61 5.87 42.42
CA LYS B 63 -25.13 4.51 42.46
C LYS B 63 -25.07 3.89 41.07
N VAL B 64 -24.96 2.56 41.04
CA VAL B 64 -24.96 1.78 39.81
C VAL B 64 -26.33 1.15 39.64
N MET B 65 -27.03 1.51 38.58
CA MET B 65 -28.40 1.05 38.38
C MET B 65 -28.57 0.24 37.10
N ASN B 66 -29.55 -0.65 37.13
CA ASN B 66 -29.84 -1.59 36.05
C ASN B 66 -31.26 -1.30 35.55
N TYR B 67 -31.37 -0.58 34.43
CA TYR B 67 -32.68 -0.28 33.83
C TYR B 67 -33.11 -1.46 32.97
N VAL B 68 -33.90 -2.36 33.54
CA VAL B 68 -34.30 -3.58 32.86
C VAL B 68 -35.61 -3.33 32.11
N TRP B 69 -35.66 -3.76 30.86
CA TRP B 69 -36.84 -3.59 30.04
C TRP B 69 -37.75 -4.80 30.20
N ASN B 70 -39.05 -4.53 30.36
CA ASN B 70 -40.06 -5.58 30.40
C ASN B 70 -41.17 -5.21 29.43
N LYS B 71 -41.43 -6.11 28.48
CA LYS B 71 -42.39 -5.86 27.41
C LYS B 71 -43.81 -5.66 27.93
N GLN B 72 -44.11 -6.15 29.14
CA GLN B 72 -45.48 -6.14 29.65
C GLN B 72 -45.99 -4.71 29.83
N LYS B 73 -45.50 -4.01 30.84
CA LYS B 73 -45.88 -2.61 31.02
C LYS B 73 -44.97 -1.64 30.27
N GLN B 74 -44.13 -2.17 29.37
CA GLN B 74 -43.41 -1.38 28.37
C GLN B 74 -42.69 -0.19 28.99
N ASP B 75 -41.84 -0.50 29.97
CA ASP B 75 -41.03 0.50 30.66
C ASP B 75 -39.80 -0.18 31.23
N TRP B 76 -39.07 0.54 32.08
CA TRP B 76 -37.84 0.05 32.68
C TRP B 76 -37.99 -0.08 34.19
N ASP B 77 -37.36 -1.12 34.74
CA ASP B 77 -37.42 -1.45 36.17
C ASP B 77 -36.18 -0.89 36.86
N VAL B 78 -36.21 0.43 37.10
CA VAL B 78 -35.18 1.13 37.88
C VAL B 78 -34.79 0.30 39.09
N SER B 79 -33.49 0.06 39.27
CA SER B 79 -33.01 -0.91 40.26
C SER B 79 -31.51 -0.75 40.48
N GLU B 80 -31.09 -0.57 41.74
CA GLU B 80 -29.68 -0.48 42.08
C GLU B 80 -29.01 -1.84 42.05
N LEU B 81 -27.88 -1.94 41.37
CA LEU B 81 -27.03 -3.12 41.40
C LEU B 81 -26.05 -2.96 42.55
N GLY B 82 -26.23 -3.76 43.59
CA GLY B 82 -25.48 -3.64 44.82
C GLY B 82 -26.40 -3.82 46.01
N THR B 83 -25.88 -3.54 47.20
CA THR B 83 -26.64 -3.85 48.41
C THR B 83 -26.71 -2.69 49.39
N LYS B 84 -25.74 -1.77 49.36
CA LYS B 84 -25.63 -0.77 50.42
C LYS B 84 -25.37 0.61 49.85
N SER B 85 -25.62 1.62 50.68
CA SER B 85 -25.12 2.96 50.45
C SER B 85 -23.60 2.97 50.60
N LEU B 86 -22.99 4.08 50.18
CA LEU B 86 -21.54 4.16 50.12
C LEU B 86 -21.06 5.54 50.51
N TYR B 87 -21.64 6.10 51.58
CA TYR B 87 -21.20 7.36 52.16
C TYR B 87 -21.34 8.52 51.19
N ASN B 88 -22.34 8.46 50.31
CA ASN B 88 -22.60 9.51 49.34
C ASN B 88 -21.33 9.86 48.55
N MET B 89 -20.66 8.82 48.07
CA MET B 89 -19.41 8.93 47.33
C MET B 89 -19.69 8.89 45.83
N LYS B 90 -19.01 9.76 45.09
CA LYS B 90 -19.24 9.86 43.64
C LYS B 90 -18.38 8.85 42.89
N LEU B 91 -19.03 8.07 42.01
CA LEU B 91 -18.44 6.94 41.33
C LEU B 91 -18.04 7.29 39.90
N ASP B 92 -17.02 6.59 39.39
CA ASP B 92 -16.62 6.64 37.99
C ASP B 92 -16.67 5.23 37.43
N LEU B 93 -17.48 5.03 36.40
CA LEU B 93 -17.76 3.70 35.86
C LEU B 93 -17.43 3.67 34.37
N GLU B 94 -16.68 2.67 33.93
CA GLU B 94 -16.21 2.65 32.56
C GLU B 94 -16.07 1.23 32.03
N PHE B 95 -16.62 1.00 30.84
CA PHE B 95 -16.56 -0.27 30.13
C PHE B 95 -15.64 -0.16 28.92
N LYS B 96 -14.91 -1.25 28.64
CA LYS B 96 -14.00 -1.28 27.50
C LYS B 96 -13.88 -2.72 27.00
N THR B 97 -13.98 -2.90 25.68
CA THR B 97 -13.65 -4.17 25.08
C THR B 97 -12.13 -4.32 25.00
N GLU B 98 -11.65 -5.54 25.20
CA GLU B 98 -10.23 -5.79 25.42
C GLU B 98 -9.79 -7.09 24.75
N GLY B 99 -10.16 -7.25 23.46
CA GLY B 99 -9.68 -8.40 22.71
C GLY B 99 -10.42 -9.68 23.00
N ALA B 100 -9.71 -10.80 22.91
CA ALA B 100 -10.37 -12.09 23.00
C ALA B 100 -9.48 -13.10 23.71
N TYR B 101 -10.13 -14.09 24.30
CA TYR B 101 -9.46 -15.27 24.86
C TYR B 101 -10.15 -16.48 24.26
N GLN B 102 -9.42 -17.24 23.47
CA GLN B 102 -10.00 -18.32 22.63
C GLN B 102 -11.16 -17.70 21.86
N ASP B 103 -12.35 -18.30 21.85
CA ASP B 103 -13.48 -17.76 21.10
C ASP B 103 -14.35 -16.80 21.92
N ASN B 104 -13.90 -16.33 23.09
CA ASN B 104 -14.67 -15.41 23.91
C ASN B 104 -14.07 -14.01 23.80
N ARG B 105 -14.93 -13.02 23.67
CA ARG B 105 -14.46 -11.65 23.67
C ARG B 105 -14.38 -11.11 25.09
N LEU B 106 -13.38 -10.26 25.31
CA LEU B 106 -13.08 -9.75 26.64
C LEU B 106 -13.64 -8.36 26.83
N ILE B 107 -13.97 -8.04 28.08
CA ILE B 107 -14.39 -6.72 28.48
C ILE B 107 -13.68 -6.37 29.77
N SER B 108 -13.36 -5.09 29.94
CA SER B 108 -12.77 -4.60 31.18
C SER B 108 -13.74 -3.65 31.86
N TYR B 109 -13.88 -3.82 33.16
CA TYR B 109 -14.66 -2.93 34.00
C TYR B 109 -13.74 -2.04 34.82
N ASN B 110 -14.12 -0.78 34.94
CA ASN B 110 -13.48 0.16 35.86
C ASN B 110 -14.57 0.71 36.77
N LEU B 111 -14.34 0.67 38.09
CA LEU B 111 -15.33 1.16 39.03
C LEU B 111 -14.58 1.72 40.23
N THR B 112 -14.37 3.04 40.24
CA THR B 112 -13.58 3.66 41.30
C THR B 112 -14.32 4.85 41.92
N GLY B 113 -13.65 5.55 42.83
CA GLY B 113 -14.22 6.71 43.50
C GLY B 113 -13.34 7.17 44.65
N LYS B 114 -13.03 8.46 44.70
CA LYS B 114 -12.27 9.00 45.81
C LYS B 114 -13.19 9.18 47.02
N TYR B 115 -12.76 8.66 48.17
CA TYR B 115 -13.52 8.76 49.42
C TYR B 115 -13.71 10.22 49.80
N PRO B 116 -14.95 10.72 49.93
CA PRO B 116 -15.19 12.17 49.95
C PRO B 116 -14.40 12.90 51.03
N ASP B 117 -13.67 13.94 50.59
CA ASP B 117 -12.84 14.80 51.44
C ASP B 117 -11.67 14.04 52.06
N THR B 118 -11.28 12.95 51.40
CA THR B 118 -9.91 12.43 51.40
C THR B 118 -9.53 12.35 49.92
N ASN B 119 -8.43 11.69 49.58
CA ASN B 119 -8.15 11.38 48.18
C ASN B 119 -7.71 9.94 48.01
N ASN B 120 -7.99 9.09 49.01
CA ASN B 120 -7.89 7.65 48.92
C ASN B 120 -8.82 7.14 47.81
N LYS B 121 -8.23 6.70 46.70
CA LYS B 121 -9.00 6.18 45.58
C LYS B 121 -9.31 4.72 45.85
N LEU B 122 -10.60 4.39 46.00
CA LEU B 122 -11.04 3.02 46.20
C LEU B 122 -11.59 2.43 44.91
N GLY B 123 -11.75 1.11 44.90
CA GLY B 123 -12.36 0.44 43.77
C GLY B 123 -11.47 -0.50 42.99
N ILE B 124 -11.86 -0.80 41.76
CA ILE B 124 -11.13 -1.71 40.88
C ILE B 124 -10.81 -0.96 39.61
N ASP B 125 -9.52 -0.69 39.38
CA ASP B 125 -9.12 0.15 38.26
C ASP B 125 -9.34 -0.55 36.92
N THR B 126 -9.16 -1.86 36.88
CA THR B 126 -9.50 -2.61 35.69
C THR B 126 -9.63 -4.07 36.07
N ALA B 127 -10.77 -4.66 35.76
CA ALA B 127 -10.99 -6.10 35.93
C ALA B 127 -11.45 -6.67 34.60
N ILE B 128 -10.83 -7.76 34.19
CA ILE B 128 -11.11 -8.38 32.90
C ILE B 128 -12.12 -9.50 33.10
N SER B 129 -13.18 -9.48 32.31
CA SER B 129 -14.11 -10.59 32.26
C SER B 129 -14.24 -11.04 30.81
N ALA B 130 -14.90 -12.18 30.61
CA ALA B 130 -15.18 -12.66 29.28
C ALA B 130 -16.69 -12.61 29.04
N LEU B 131 -17.08 -12.24 27.83
CA LEU B 131 -18.47 -12.17 27.41
C LEU B 131 -18.93 -13.51 26.84
N ASN B 132 -20.25 -13.71 26.83
CA ASN B 132 -20.77 -14.95 26.25
C ASN B 132 -21.33 -14.75 24.84
N THR B 133 -21.48 -13.52 24.38
CA THR B 133 -21.89 -13.24 23.01
C THR B 133 -20.73 -12.65 22.23
N LYS B 134 -20.76 -12.87 20.91
CA LYS B 134 -19.84 -12.25 19.97
C LYS B 134 -20.43 -11.01 19.31
N GLN B 135 -21.66 -10.64 19.67
CA GLN B 135 -22.28 -9.41 19.18
C GLN B 135 -22.13 -8.32 20.25
N VAL B 136 -20.92 -7.77 20.31
CA VAL B 136 -20.57 -6.65 21.17
C VAL B 136 -20.08 -5.52 20.29
N PHE B 137 -20.67 -4.33 20.48
CA PHE B 137 -20.43 -3.18 19.64
C PHE B 137 -20.21 -1.97 20.53
N SER B 138 -19.61 -0.94 19.96
CA SER B 138 -19.31 0.28 20.69
C SER B 138 -19.92 1.45 19.94
N LYS B 139 -20.70 2.26 20.65
CA LYS B 139 -21.21 3.53 20.17
C LYS B 139 -20.49 4.68 20.86
N VAL B 140 -19.18 4.53 21.00
CA VAL B 140 -18.33 5.50 21.70
C VAL B 140 -17.39 6.08 20.64
N ALA B 141 -17.66 7.30 20.21
CA ALA B 141 -16.80 7.99 19.25
C ALA B 141 -15.90 8.96 20.02
N LYS B 142 -15.20 9.82 19.28
CA LYS B 142 -14.39 10.88 19.89
C LYS B 142 -13.28 10.28 20.74
N GLY B 143 -12.91 11.02 21.79
CA GLY B 143 -12.20 10.48 22.92
C GLY B 143 -13.16 10.41 24.10
N LYS B 144 -14.45 10.29 23.77
CA LYS B 144 -15.45 10.00 24.78
C LYS B 144 -15.16 8.65 25.43
N LYS B 145 -15.49 8.53 26.71
CA LYS B 145 -15.05 7.37 27.49
C LYS B 145 -16.07 6.22 27.51
N GLY B 146 -17.36 6.52 27.52
CA GLY B 146 -18.27 5.39 27.48
C GLY B 146 -18.47 4.76 28.84
N ILE B 147 -19.63 5.04 29.43
CA ILE B 147 -19.82 4.97 30.87
C ILE B 147 -21.03 4.13 31.18
N ALA B 148 -21.51 3.37 30.20
CA ALA B 148 -22.72 2.60 30.34
C ALA B 148 -22.79 1.61 29.20
N ILE B 149 -23.61 0.57 29.37
CA ILE B 149 -23.86 -0.38 28.32
C ILE B 149 -25.37 -0.53 28.18
N ALA B 150 -25.78 -0.99 27.00
CA ALA B 150 -27.14 -1.40 26.72
C ALA B 150 -27.09 -2.81 26.21
N TYR B 151 -28.09 -3.61 26.56
CA TYR B 151 -27.98 -5.04 26.30
C TYR B 151 -29.34 -5.68 26.17
N ARG B 152 -29.37 -6.86 25.56
CA ARG B 152 -30.56 -7.67 25.53
C ARG B 152 -30.22 -9.11 25.86
N THR B 153 -31.23 -9.82 26.37
CA THR B 153 -31.11 -11.18 26.86
C THR B 153 -31.77 -12.19 25.92
N ASP B 154 -32.28 -11.73 24.78
CA ASP B 154 -33.08 -12.50 23.85
C ASP B 154 -33.12 -11.72 22.54
N PRO B 155 -33.13 -12.38 21.39
CA PRO B 155 -32.97 -11.65 20.12
C PRO B 155 -34.09 -10.65 19.87
N ILE B 156 -33.74 -9.60 19.13
CA ILE B 156 -34.71 -8.61 18.67
C ILE B 156 -35.60 -9.22 17.59
N GLN B 157 -36.84 -8.74 17.51
CA GLN B 157 -37.85 -9.29 16.60
C GLN B 157 -38.39 -8.21 15.67
N GLY B 158 -38.40 -8.52 14.37
CA GLY B 158 -38.86 -7.59 13.34
C GLY B 158 -37.72 -7.06 12.48
N GLN B 159 -37.11 -5.96 12.92
CA GLN B 159 -35.92 -5.37 12.32
C GLN B 159 -36.15 -4.75 10.96
N MET B 160 -35.27 -3.83 10.57
CA MET B 160 -35.29 -3.25 9.24
C MET B 160 -35.25 -4.35 8.19
N ASN B 161 -35.80 -4.07 7.02
CA ASN B 161 -35.55 -4.94 5.89
C ASN B 161 -34.28 -4.46 5.18
N ILE B 162 -33.72 -5.34 4.37
CA ILE B 162 -32.48 -5.07 3.66
C ILE B 162 -32.64 -5.45 2.20
N ALA B 163 -32.24 -4.56 1.30
CA ALA B 163 -32.22 -4.87 -0.13
C ALA B 163 -30.80 -4.76 -0.67
N VAL B 164 -30.43 -5.70 -1.54
CA VAL B 164 -29.09 -5.72 -2.10
C VAL B 164 -29.22 -5.88 -3.60
N SER B 165 -28.65 -4.95 -4.34
CA SER B 165 -28.67 -5.06 -5.79
C SER B 165 -27.29 -5.51 -6.25
N PHE B 166 -27.23 -6.67 -6.90
CA PHE B 166 -26.00 -7.17 -7.48
C PHE B 166 -25.87 -6.67 -8.90
N VAL B 167 -24.72 -6.09 -9.22
CA VAL B 167 -24.48 -5.44 -10.49
C VAL B 167 -23.17 -6.00 -11.04
N PHE B 168 -23.29 -6.92 -11.99
CA PHE B 168 -22.19 -7.76 -12.42
C PHE B 168 -21.79 -7.44 -13.85
N ASP B 169 -20.50 -7.21 -14.05
CA ASP B 169 -19.92 -7.05 -15.36
C ASP B 169 -20.09 -8.36 -16.16
N THR B 170 -20.63 -8.24 -17.37
CA THR B 170 -20.81 -9.36 -18.29
C THR B 170 -20.09 -9.14 -19.60
N SER B 171 -19.07 -8.30 -19.62
CA SER B 171 -18.36 -8.05 -20.87
C SER B 171 -17.66 -9.33 -21.37
N GLY B 172 -17.24 -9.29 -22.64
CA GLY B 172 -16.65 -10.47 -23.27
C GLY B 172 -15.45 -11.02 -22.53
N SER B 173 -14.65 -10.14 -21.92
CA SER B 173 -13.49 -10.55 -21.14
C SER B 173 -13.85 -11.55 -20.04
N MET B 174 -15.12 -11.61 -19.63
CA MET B 174 -15.49 -12.57 -18.59
C MET B 174 -15.50 -14.04 -19.08
N ASP B 175 -15.23 -14.29 -20.36
CA ASP B 175 -15.03 -15.65 -20.84
C ASP B 175 -13.60 -16.13 -20.68
N TRP B 176 -12.68 -15.22 -20.38
CA TRP B 176 -11.29 -15.58 -20.20
C TRP B 176 -11.08 -16.05 -18.77
N ASP B 177 -9.95 -16.72 -18.52
CA ASP B 177 -9.64 -17.09 -17.16
C ASP B 177 -9.12 -15.86 -16.41
N LEU B 178 -8.86 -16.03 -15.11
CA LEU B 178 -8.54 -14.88 -14.28
C LEU B 178 -7.27 -14.16 -14.74
N GLN B 179 -6.34 -14.88 -15.39
CA GLN B 179 -5.14 -14.26 -15.95
C GLN B 179 -5.29 -13.86 -17.41
N GLY B 180 -6.51 -13.85 -17.95
CA GLY B 180 -6.70 -13.43 -19.32
C GLY B 180 -6.26 -14.41 -20.40
N ARG B 181 -6.23 -15.70 -20.09
CA ARG B 181 -5.97 -16.75 -21.06
C ARG B 181 -7.28 -17.40 -21.46
N ASN B 182 -7.31 -17.95 -22.68
CA ASN B 182 -8.47 -18.72 -23.13
C ASN B 182 -8.56 -20.02 -22.33
N VAL B 183 -9.77 -20.36 -21.88
CA VAL B 183 -10.01 -21.49 -20.99
C VAL B 183 -9.83 -22.81 -21.73
N LYS B 184 -9.42 -22.76 -22.98
CA LYS B 184 -9.09 -23.96 -23.74
C LYS B 184 -7.59 -24.25 -23.72
N LYS B 185 -6.74 -23.27 -24.05
CA LYS B 185 -5.31 -23.48 -23.96
C LYS B 185 -4.84 -23.68 -22.51
N THR B 186 -5.64 -23.23 -21.54
CA THR B 186 -5.49 -23.61 -20.14
C THR B 186 -6.71 -24.41 -19.75
N GLY B 187 -6.66 -25.06 -18.60
CA GLY B 187 -7.80 -25.84 -18.17
C GLY B 187 -8.73 -25.13 -17.23
N ASN B 188 -8.51 -23.83 -17.01
CA ASN B 188 -9.14 -23.12 -15.91
C ASN B 188 -10.61 -22.82 -16.22
N GLU B 189 -11.34 -22.49 -15.17
CA GLU B 189 -12.67 -21.93 -15.32
C GLU B 189 -12.59 -20.49 -15.81
N SER B 190 -13.65 -20.05 -16.48
CA SER B 190 -13.80 -18.64 -16.84
C SER B 190 -14.16 -17.81 -15.62
N ARG B 191 -13.87 -16.50 -15.70
CA ARG B 191 -14.23 -15.59 -14.62
C ARG B 191 -15.72 -15.66 -14.34
N MET B 192 -16.52 -15.76 -15.40
CA MET B 192 -17.96 -15.91 -15.19
C MET B 192 -18.29 -17.23 -14.51
N ASP B 193 -17.62 -18.33 -14.89
CA ASP B 193 -17.82 -19.59 -14.18
C ASP B 193 -17.57 -19.40 -12.69
N ILE B 194 -16.45 -18.79 -12.33
CA ILE B 194 -16.15 -18.59 -10.91
C ILE B 194 -17.16 -17.64 -10.29
N LEU B 195 -17.59 -16.61 -11.03
CA LEU B 195 -18.54 -15.64 -10.49
C LEU B 195 -19.87 -16.29 -10.16
N ARG B 196 -20.40 -17.10 -11.07
CA ARG B 196 -21.65 -17.82 -10.80
C ARG B 196 -21.57 -18.59 -9.48
N LYS B 197 -20.56 -19.45 -9.34
CA LYS B 197 -20.46 -20.27 -8.13
C LYS B 197 -20.29 -19.41 -6.88
N LYS B 198 -19.44 -18.39 -6.94
CA LYS B 198 -19.12 -17.65 -5.72
C LYS B 198 -20.28 -16.77 -5.28
N SER B 199 -21.13 -16.33 -6.23
CA SER B 199 -22.27 -15.52 -5.79
C SER B 199 -23.42 -16.40 -5.31
N VAL B 200 -23.55 -17.61 -5.85
CA VAL B 200 -24.44 -18.61 -5.25
C VAL B 200 -24.10 -18.80 -3.77
N ILE B 201 -22.80 -18.98 -3.47
CA ILE B 201 -22.37 -19.07 -2.07
C ILE B 201 -22.75 -17.81 -1.31
N MET B 202 -22.55 -16.63 -1.92
CA MET B 202 -22.85 -15.36 -1.26
C MET B 202 -24.34 -15.21 -0.95
N ILE B 203 -25.20 -15.75 -1.83
CA ILE B 203 -26.65 -15.70 -1.61
C ILE B 203 -27.06 -16.52 -0.40
N LYS B 204 -26.69 -17.81 -0.39
CA LYS B 204 -26.98 -18.66 0.76
C LYS B 204 -26.45 -18.03 2.05
N ASP B 205 -25.31 -17.35 1.97
CA ASP B 205 -24.76 -16.72 3.16
C ASP B 205 -25.59 -15.50 3.59
N LEU B 206 -25.95 -14.63 2.64
CA LEU B 206 -26.84 -13.51 2.96
C LEU B 206 -28.17 -14.00 3.54
N ALA B 207 -28.68 -15.13 3.03
CA ALA B 207 -29.94 -15.70 3.51
C ALA B 207 -29.98 -15.82 5.04
N GLU B 208 -28.82 -16.06 5.66
CA GLU B 208 -28.74 -16.28 7.10
C GLU B 208 -29.09 -15.04 7.92
N ILE B 209 -28.95 -13.84 7.35
CA ILE B 209 -29.24 -12.64 8.14
C ILE B 209 -30.74 -12.48 8.34
N GLY B 210 -31.55 -13.02 7.41
CA GLY B 210 -32.99 -12.87 7.47
C GLY B 210 -33.49 -11.52 7.02
N ASN B 211 -34.65 -11.50 6.34
CA ASN B 211 -35.35 -10.27 5.99
C ASN B 211 -34.50 -9.41 5.04
N ILE B 212 -34.13 -10.02 3.92
CA ILE B 212 -33.12 -9.48 3.04
C ILE B 212 -33.43 -9.90 1.61
N SER B 213 -33.71 -8.92 0.74
CA SER B 213 -34.06 -9.17 -0.64
C SER B 213 -32.93 -8.78 -1.59
N VAL B 214 -32.83 -9.48 -2.71
CA VAL B 214 -31.79 -9.25 -3.69
C VAL B 214 -32.39 -9.24 -5.09
N ASN B 215 -31.71 -8.56 -6.00
CA ASN B 215 -31.97 -8.68 -7.43
C ASN B 215 -30.63 -8.70 -8.15
N LEU B 216 -30.67 -8.91 -9.45
CA LEU B 216 -29.48 -9.15 -10.24
C LEU B 216 -29.49 -8.24 -11.46
N VAL B 217 -28.42 -7.46 -11.62
CA VAL B 217 -28.25 -6.61 -12.78
C VAL B 217 -26.97 -7.03 -13.49
N GLY B 218 -27.04 -7.18 -14.80
CA GLY B 218 -25.86 -7.40 -15.61
C GLY B 218 -25.57 -6.13 -16.39
N PHE B 219 -24.30 -5.92 -16.73
CA PHE B 219 -23.99 -4.78 -17.56
C PHE B 219 -22.76 -5.14 -18.37
N SER B 220 -22.75 -4.67 -19.59
CA SER B 220 -21.57 -4.76 -20.42
C SER B 220 -21.59 -3.52 -21.28
N THR B 221 -21.86 -3.66 -22.58
CA THR B 221 -22.04 -2.48 -23.41
C THR B 221 -23.16 -1.59 -22.86
N SER B 222 -24.18 -2.20 -22.30
CA SER B 222 -25.20 -1.49 -21.56
C SER B 222 -25.81 -2.48 -20.56
N ALA B 223 -26.72 -2.00 -19.73
CA ALA B 223 -27.18 -2.79 -18.59
C ALA B 223 -28.48 -3.53 -18.92
N LYS B 224 -28.69 -4.65 -18.22
CA LYS B 224 -29.92 -5.42 -18.32
C LYS B 224 -30.28 -5.97 -16.94
N TYR B 225 -31.57 -5.97 -16.63
CA TYR B 225 -32.03 -6.72 -15.46
C TYR B 225 -31.99 -8.21 -15.78
N ILE B 226 -31.13 -8.96 -15.08
CA ILE B 226 -31.21 -10.41 -15.19
C ILE B 226 -32.37 -10.92 -14.35
N GLN B 227 -32.53 -10.36 -13.17
CA GLN B 227 -33.76 -10.51 -12.40
C GLN B 227 -34.06 -9.12 -11.85
N GLN B 228 -35.13 -8.50 -12.35
CA GLN B 228 -35.43 -7.11 -12.04
C GLN B 228 -36.04 -6.98 -10.65
N ASN B 229 -36.99 -7.83 -10.32
CA ASN B 229 -37.65 -7.68 -9.04
C ASN B 229 -36.84 -8.38 -7.95
N PHE B 230 -37.10 -7.98 -6.71
CA PHE B 230 -36.31 -8.42 -5.56
C PHE B 230 -36.91 -9.70 -4.96
N SER B 231 -36.14 -10.79 -4.99
CA SER B 231 -36.49 -12.02 -4.26
C SER B 231 -36.18 -11.84 -2.77
N ASN B 232 -37.18 -12.08 -1.92
CA ASN B 232 -36.90 -12.24 -0.50
C ASN B 232 -36.28 -13.62 -0.30
N LEU B 233 -35.12 -13.66 0.35
CA LEU B 233 -34.47 -14.95 0.57
C LEU B 233 -35.24 -15.79 1.57
N ASP B 234 -35.91 -15.16 2.55
CA ASP B 234 -36.71 -15.88 3.53
C ASP B 234 -37.81 -16.73 2.90
N ASN B 235 -38.18 -16.46 1.65
CA ASN B 235 -39.20 -17.21 0.95
C ASN B 235 -38.61 -18.16 -0.07
N GLY B 236 -37.31 -18.42 -0.04
CA GLY B 236 -36.71 -19.29 -1.01
C GLY B 236 -35.61 -18.64 -1.82
N THR B 237 -34.41 -19.23 -1.74
CA THR B 237 -33.25 -18.81 -2.51
C THR B 237 -33.08 -19.59 -3.80
N ASN B 238 -33.92 -20.62 -4.02
CA ASN B 238 -33.80 -21.44 -5.21
C ASN B 238 -34.03 -20.62 -6.48
N THR B 239 -34.95 -19.66 -6.42
CA THR B 239 -35.30 -18.92 -7.64
C THR B 239 -34.13 -18.07 -8.13
N ILE B 240 -33.44 -17.38 -7.23
CA ILE B 240 -32.29 -16.57 -7.65
C ILE B 240 -31.08 -17.46 -7.97
N ILE B 241 -30.86 -18.51 -7.17
CA ILE B 241 -29.76 -19.44 -7.48
C ILE B 241 -29.98 -20.06 -8.85
N ALA B 242 -31.23 -20.28 -9.22
CA ALA B 242 -31.53 -20.82 -10.54
C ALA B 242 -31.10 -19.86 -11.65
N THR B 243 -31.47 -18.58 -11.53
CA THR B 243 -31.11 -17.66 -12.61
C THR B 243 -29.62 -17.36 -12.63
N ILE B 244 -28.95 -17.31 -11.48
CA ILE B 244 -27.50 -17.10 -11.50
C ILE B 244 -26.80 -18.27 -12.19
N THR B 245 -27.31 -19.50 -12.00
CA THR B 245 -26.63 -20.69 -12.52
C THR B 245 -27.03 -21.04 -13.94
N LYS B 246 -28.22 -20.62 -14.40
CA LYS B 246 -28.67 -20.91 -15.77
C LYS B 246 -27.78 -20.22 -16.79
N ARG B 247 -27.29 -20.98 -17.76
CA ARG B 247 -26.14 -20.52 -18.54
C ARG B 247 -26.52 -19.72 -19.78
N GLU B 248 -27.81 -19.54 -20.07
CA GLU B 248 -28.16 -18.53 -21.06
C GLU B 248 -28.07 -17.13 -20.49
N ASN B 249 -28.18 -16.99 -19.17
CA ASN B 249 -27.94 -15.74 -18.48
C ASN B 249 -26.45 -15.48 -18.31
N LEU B 250 -26.11 -14.22 -18.02
CA LEU B 250 -24.74 -13.80 -17.69
C LEU B 250 -23.74 -14.22 -18.75
N ASN B 251 -24.18 -14.31 -20.00
CA ASN B 251 -23.29 -14.78 -21.04
C ASN B 251 -22.35 -13.65 -21.49
N PRO B 252 -21.03 -13.88 -21.46
CA PRO B 252 -20.10 -12.75 -21.66
C PRO B 252 -20.10 -12.22 -23.08
N ASP B 253 -20.17 -10.88 -23.19
CA ASP B 253 -20.20 -10.18 -24.48
C ASP B 253 -20.25 -8.66 -24.29
N GLY B 254 -19.53 -7.90 -25.12
CA GLY B 254 -19.58 -6.44 -25.05
C GLY B 254 -18.40 -5.81 -24.31
N VAL B 255 -18.53 -4.50 -24.09
CA VAL B 255 -17.51 -3.70 -23.38
C VAL B 255 -17.98 -3.42 -21.96
N THR B 256 -17.40 -2.43 -21.27
CA THR B 256 -17.58 -2.25 -19.82
C THR B 256 -18.19 -0.86 -19.53
N ASN B 257 -19.48 -0.83 -19.21
CA ASN B 257 -20.24 0.40 -18.98
C ASN B 257 -20.80 0.39 -17.55
N PRO B 258 -19.94 0.62 -16.55
CA PRO B 258 -20.41 0.50 -15.16
C PRO B 258 -21.44 1.55 -14.80
N GLY B 259 -21.38 2.74 -15.40
CA GLY B 259 -22.41 3.74 -15.14
C GLY B 259 -23.81 3.21 -15.40
N ASP B 260 -24.02 2.53 -16.53
CA ASP B 260 -25.37 2.07 -16.82
C ASP B 260 -25.79 0.97 -15.86
N GLY B 261 -24.85 0.05 -15.55
CA GLY B 261 -25.15 -0.96 -14.57
C GLY B 261 -25.55 -0.37 -13.23
N LEU B 262 -24.82 0.66 -12.81
CA LEU B 262 -25.12 1.32 -11.55
C LEU B 262 -26.46 2.05 -11.61
N ARG B 263 -26.82 2.55 -12.79
CA ARG B 263 -28.13 3.19 -12.92
C ARG B 263 -29.26 2.18 -12.70
N TYR B 264 -29.20 1.03 -13.39
CA TYR B 264 -30.22 0.01 -13.16
C TYR B 264 -30.23 -0.45 -11.72
N GLY B 265 -29.03 -0.71 -11.16
CA GLY B 265 -28.95 -1.07 -9.76
C GLY B 265 -29.65 -0.09 -8.84
N MET B 266 -29.29 1.19 -8.93
CA MET B 266 -29.76 2.15 -7.93
C MET B 266 -31.24 2.47 -8.11
N ILE B 267 -31.73 2.54 -9.35
CA ILE B 267 -33.15 2.89 -9.46
C ILE B 267 -34.03 1.74 -8.99
N SER B 268 -33.61 0.48 -9.22
CA SER B 268 -34.38 -0.62 -8.65
C SER B 268 -34.35 -0.59 -7.12
N LEU B 269 -33.23 -0.16 -6.53
CA LEU B 269 -33.15 -0.02 -5.08
C LEU B 269 -34.06 1.09 -4.57
N GLN B 270 -34.18 2.19 -5.33
CA GLN B 270 -35.06 3.29 -4.93
C GLN B 270 -36.50 2.82 -4.75
N SER B 271 -36.90 1.79 -5.48
CA SER B 271 -38.28 1.29 -5.45
C SER B 271 -38.46 0.13 -4.49
N GLN B 272 -37.43 -0.20 -3.68
CA GLN B 272 -37.67 -1.18 -2.64
C GLN B 272 -37.88 -0.49 -1.30
N PRO B 273 -38.73 -1.07 -0.45
CA PRO B 273 -39.07 -0.39 0.81
C PRO B 273 -37.99 -0.49 1.88
N ALA B 274 -37.06 -1.45 1.75
CA ALA B 274 -36.05 -1.72 2.77
C ALA B 274 -35.39 -0.44 3.22
N GLN B 275 -34.88 -0.43 4.45
CA GLN B 275 -34.24 0.77 4.96
C GLN B 275 -32.74 0.62 5.15
N LEU B 276 -32.17 -0.52 4.77
CA LEU B 276 -30.75 -0.66 4.48
C LEU B 276 -30.65 -1.13 3.04
N LYS B 277 -30.04 -0.30 2.19
CA LYS B 277 -29.91 -0.62 0.77
C LYS B 277 -28.44 -0.68 0.36
N TYR B 278 -28.11 -1.62 -0.52
CA TYR B 278 -26.73 -1.89 -0.88
C TYR B 278 -26.60 -2.18 -2.38
N ILE B 279 -25.51 -1.67 -2.96
CA ILE B 279 -25.03 -2.10 -4.28
C ILE B 279 -23.74 -2.90 -4.10
N VAL B 280 -23.65 -4.02 -4.79
CA VAL B 280 -22.42 -4.81 -4.86
C VAL B 280 -22.10 -4.87 -6.33
N LEU B 281 -21.12 -4.11 -6.75
CA LEU B 281 -20.77 -4.00 -8.15
C LEU B 281 -19.44 -4.72 -8.38
N LEU B 282 -19.41 -5.60 -9.37
CA LEU B 282 -18.23 -6.37 -9.71
C LEU B 282 -17.81 -6.04 -11.14
N THR B 283 -16.54 -5.72 -11.33
CA THR B 283 -16.07 -5.46 -12.67
C THR B 283 -14.68 -6.07 -12.87
N ASP B 284 -14.40 -6.42 -14.13
CA ASP B 284 -13.15 -7.09 -14.48
C ASP B 284 -12.33 -6.32 -15.50
N GLY B 285 -12.62 -5.03 -15.73
CA GLY B 285 -12.01 -4.32 -16.83
C GLY B 285 -12.05 -2.82 -16.67
N ILE B 286 -11.24 -2.16 -17.47
CA ILE B 286 -11.21 -0.70 -17.44
C ILE B 286 -12.53 -0.15 -17.97
N PRO B 287 -13.16 0.80 -17.29
CA PRO B 287 -14.35 1.46 -17.84
C PRO B 287 -14.06 2.02 -19.23
N ASN B 288 -14.94 1.71 -20.17
CA ASN B 288 -14.62 2.13 -21.54
C ASN B 288 -15.88 2.41 -22.35
N ALA B 289 -17.03 2.65 -21.70
CA ALA B 289 -18.27 2.90 -22.40
C ALA B 289 -19.21 3.71 -21.50
N TYR B 290 -20.10 4.49 -22.15
CA TYR B 290 -21.07 5.33 -21.45
C TYR B 290 -22.22 5.60 -22.40
N LEU B 291 -23.36 6.04 -21.86
CA LEU B 291 -24.53 6.43 -22.65
C LEU B 291 -24.76 7.93 -22.53
N VAL B 292 -25.00 8.60 -23.67
CA VAL B 292 -25.33 10.02 -23.66
C VAL B 292 -26.85 10.18 -23.76
N ASP B 293 -27.33 11.28 -23.19
CA ASP B 293 -28.69 11.73 -23.45
C ASP B 293 -28.82 12.08 -24.93
N SER B 294 -30.03 11.89 -25.47
CA SER B 294 -30.27 12.18 -26.89
C SER B 294 -29.96 13.64 -27.23
N ARG B 295 -30.10 14.55 -26.27
CA ARG B 295 -29.76 15.92 -26.62
C ARG B 295 -28.27 16.11 -26.87
N ALA B 296 -27.44 15.08 -26.66
CA ALA B 296 -26.03 15.15 -27.03
C ALA B 296 -25.82 14.89 -28.52
N LEU B 297 -26.85 14.41 -29.22
CA LEU B 297 -26.81 14.08 -30.65
C LEU B 297 -27.08 15.33 -31.50
N TYR B 298 -26.08 16.20 -31.55
CA TYR B 298 -26.12 17.38 -32.39
C TYR B 298 -24.84 17.48 -33.19
N ALA B 299 -24.96 18.06 -34.39
CA ALA B 299 -23.86 18.69 -35.12
C ALA B 299 -22.58 17.89 -35.17
N GLY B 300 -21.51 18.45 -34.59
CA GLY B 300 -20.23 17.78 -34.59
C GLY B 300 -19.88 17.20 -33.22
N ASN B 301 -20.90 16.80 -32.46
CA ASN B 301 -20.63 16.24 -31.14
C ASN B 301 -20.07 14.83 -31.23
N ARG B 302 -20.74 13.96 -32.01
CA ARG B 302 -20.33 12.57 -32.17
C ARG B 302 -19.16 12.49 -33.14
N VAL B 303 -18.05 11.92 -32.69
CA VAL B 303 -16.88 11.67 -33.52
C VAL B 303 -16.76 10.17 -33.64
N ASP B 304 -16.96 9.67 -34.86
CA ASP B 304 -17.09 8.24 -35.14
C ASP B 304 -15.77 7.74 -35.71
N LEU B 305 -14.93 7.15 -34.85
CA LEU B 305 -13.71 6.49 -35.32
C LEU B 305 -13.84 4.98 -35.27
N SER B 306 -15.03 4.44 -35.59
CA SER B 306 -15.33 3.05 -35.24
C SER B 306 -14.67 2.03 -36.16
N GLN B 307 -14.34 2.38 -37.40
CA GLN B 307 -13.72 1.38 -38.25
C GLN B 307 -12.20 1.48 -38.27
N GLY B 308 -11.65 2.68 -38.08
CA GLY B 308 -10.21 2.84 -38.16
C GLY B 308 -9.52 3.11 -36.83
N ALA B 309 -10.25 2.97 -35.72
CA ALA B 309 -9.62 3.15 -34.42
C ALA B 309 -10.40 2.46 -33.30
N GLY B 310 -11.61 1.98 -33.60
CA GLY B 310 -12.37 1.21 -32.64
C GLY B 310 -13.02 1.99 -31.51
N ARG B 311 -13.29 3.28 -31.70
CA ARG B 311 -13.95 4.05 -30.66
C ARG B 311 -14.91 5.08 -31.26
N VAL B 312 -15.98 5.35 -30.53
CA VAL B 312 -16.90 6.44 -30.81
C VAL B 312 -16.93 7.35 -29.59
N THR B 313 -16.77 8.64 -29.79
CA THR B 313 -16.65 9.53 -28.66
C THR B 313 -17.53 10.75 -28.87
N PHE B 314 -17.89 11.38 -27.77
CA PHE B 314 -18.67 12.61 -27.80
C PHE B 314 -17.80 13.72 -27.23
N ASN B 315 -17.60 14.78 -28.02
CA ASN B 315 -16.79 15.92 -27.59
C ASN B 315 -17.34 16.52 -26.30
N ASN B 316 -18.66 16.68 -26.24
CA ASN B 316 -19.35 17.16 -25.04
C ASN B 316 -20.38 16.13 -24.68
N PRO B 317 -20.07 15.18 -23.81
CA PRO B 317 -21.06 14.23 -23.36
C PRO B 317 -22.09 14.93 -22.49
N ILE B 318 -23.34 14.55 -22.67
CA ILE B 318 -24.39 14.80 -21.70
C ILE B 318 -24.88 13.40 -21.34
N TYR B 319 -24.67 13.00 -20.09
CA TYR B 319 -24.89 11.59 -19.77
C TYR B 319 -26.37 11.25 -19.80
N ASP B 320 -26.67 10.02 -20.20
CA ASP B 320 -28.02 9.48 -20.06
C ASP B 320 -28.33 9.19 -18.60
N LEU B 321 -28.89 10.18 -17.91
CA LEU B 321 -29.33 10.06 -16.52
C LEU B 321 -30.82 9.83 -16.39
N SER B 322 -31.47 9.28 -17.42
CA SER B 322 -32.91 9.23 -17.34
C SER B 322 -33.38 8.05 -16.47
N PRO B 323 -34.49 8.22 -15.75
CA PRO B 323 -35.12 7.07 -15.10
C PRO B 323 -35.80 6.14 -16.08
N THR B 324 -35.94 6.56 -17.34
CA THR B 324 -36.40 5.68 -18.40
C THR B 324 -35.20 4.90 -18.90
N LEU B 325 -35.21 3.60 -18.73
CA LEU B 325 -34.04 2.80 -18.99
C LEU B 325 -34.06 2.33 -20.44
N GLY B 326 -33.10 2.80 -21.24
CA GLY B 326 -33.08 2.39 -22.63
C GLY B 326 -31.68 2.47 -23.18
N TYR B 327 -31.50 1.83 -24.34
CA TYR B 327 -30.22 1.74 -25.01
C TYR B 327 -30.42 1.95 -26.50
N GLU B 328 -29.54 2.72 -27.12
CA GLU B 328 -29.48 2.85 -28.56
C GLU B 328 -28.01 2.97 -28.92
N TYR B 329 -27.60 2.26 -29.97
CA TYR B 329 -26.20 2.34 -30.39
C TYR B 329 -25.77 3.78 -30.68
N SER B 330 -26.69 4.61 -31.18
CA SER B 330 -26.30 5.98 -31.50
C SER B 330 -25.94 6.81 -30.27
N ARG B 331 -26.38 6.37 -29.08
CA ARG B 331 -26.07 7.12 -27.86
C ARG B 331 -24.87 6.55 -27.11
N LEU B 332 -24.10 5.65 -27.73
CA LEU B 332 -23.06 4.91 -27.03
C LEU B 332 -21.69 5.51 -27.32
N GLY B 333 -20.99 5.95 -26.28
CA GLY B 333 -19.57 6.22 -26.39
C GLY B 333 -18.83 4.97 -25.94
N TYR B 334 -17.72 4.65 -26.61
CA TYR B 334 -16.97 3.46 -26.23
C TYR B 334 -15.62 3.41 -26.91
N ASP B 335 -14.75 2.57 -26.35
CA ASP B 335 -13.39 2.35 -26.85
C ASP B 335 -13.08 0.86 -26.72
N LEU B 336 -13.16 0.13 -27.84
CA LEU B 336 -12.93 -1.31 -27.80
C LEU B 336 -11.53 -1.65 -27.30
N TYR B 337 -10.57 -0.76 -27.45
CA TYR B 337 -9.19 -1.01 -27.05
C TYR B 337 -8.84 -0.50 -25.66
N SER B 338 -9.75 0.20 -24.97
CA SER B 338 -9.53 0.68 -23.60
C SER B 338 -8.20 1.42 -23.45
N ARG B 339 -7.89 2.29 -24.41
CA ARG B 339 -6.66 3.08 -24.42
C ARG B 339 -6.84 4.59 -24.47
N ASP B 340 -7.95 5.09 -24.99
CA ASP B 340 -8.19 6.52 -25.10
C ASP B 340 -8.49 7.12 -23.72
N SER B 341 -7.62 8.03 -23.25
CA SER B 341 -7.76 8.67 -21.95
C SER B 341 -9.13 9.31 -21.74
N ILE B 342 -9.64 10.00 -22.77
CA ILE B 342 -10.90 10.74 -22.64
C ILE B 342 -12.06 9.78 -22.42
N THR B 343 -12.15 8.73 -23.23
CA THR B 343 -13.25 7.77 -23.07
C THR B 343 -13.22 7.13 -21.69
N ARG B 344 -12.02 6.85 -21.15
CA ARG B 344 -11.98 6.24 -19.82
C ARG B 344 -12.54 7.22 -18.79
N GLU B 345 -12.06 8.47 -18.84
CA GLU B 345 -12.57 9.52 -17.98
C GLU B 345 -14.09 9.67 -18.10
N ASN B 346 -14.64 9.70 -19.32
CA ASN B 346 -16.08 9.86 -19.47
C ASN B 346 -16.85 8.65 -18.93
N SER B 347 -16.27 7.46 -19.02
CA SER B 347 -16.94 6.28 -18.53
C SER B 347 -17.02 6.29 -17.00
N ILE B 348 -15.95 6.75 -16.35
CA ILE B 348 -15.92 6.83 -14.89
C ILE B 348 -16.81 7.97 -14.40
N ALA B 349 -16.82 9.08 -15.14
CA ALA B 349 -17.65 10.23 -14.74
C ALA B 349 -19.12 9.89 -14.86
N TYR B 350 -19.48 9.08 -15.86
CA TYR B 350 -20.87 8.64 -15.99
C TYR B 350 -21.36 7.96 -14.72
N ALA B 351 -20.55 7.08 -14.16
CA ALA B 351 -20.92 6.41 -12.92
C ALA B 351 -21.02 7.40 -11.76
N GLY B 352 -20.18 8.44 -11.73
CA GLY B 352 -20.35 9.47 -10.73
C GLY B 352 -21.64 10.25 -10.91
N GLU B 353 -22.00 10.57 -12.15
CA GLU B 353 -23.25 11.31 -12.36
C GLU B 353 -24.45 10.45 -11.96
N VAL B 354 -24.44 9.17 -12.29
CA VAL B 354 -25.50 8.25 -11.88
C VAL B 354 -25.59 8.20 -10.36
N SER B 355 -24.45 8.08 -9.69
CA SER B 355 -24.44 7.98 -8.23
C SER B 355 -25.09 9.21 -7.59
N LYS B 356 -24.70 10.40 -8.07
CA LYS B 356 -25.28 11.64 -7.57
C LYS B 356 -26.79 11.67 -7.71
N LYS B 357 -27.31 11.17 -8.83
CA LYS B 357 -28.74 11.31 -9.05
C LYS B 357 -29.54 10.20 -8.36
N PHE B 358 -29.08 8.95 -8.40
CA PHE B 358 -29.91 7.80 -8.03
C PHE B 358 -29.49 7.16 -6.71
N GLY B 359 -28.57 7.76 -5.96
CA GLY B 359 -27.99 7.14 -4.79
C GLY B 359 -28.54 7.55 -3.44
N LEU B 360 -29.66 8.29 -3.39
CA LEU B 360 -30.09 8.89 -2.13
C LEU B 360 -30.40 7.86 -1.05
N GLY B 361 -31.11 6.80 -1.39
CA GLY B 361 -31.35 5.96 -0.21
C GLY B 361 -30.26 5.00 0.24
N ILE B 362 -29.07 5.03 -0.35
CA ILE B 362 -28.21 3.86 -0.40
C ILE B 362 -27.16 3.92 0.72
N LYS B 363 -27.09 2.84 1.50
CA LYS B 363 -26.17 2.78 2.63
C LYS B 363 -24.72 2.69 2.16
N ARG B 364 -24.44 1.76 1.25
CA ARG B 364 -23.04 1.60 0.82
C ARG B 364 -23.01 0.98 -0.56
N VAL B 365 -22.02 1.39 -1.35
CA VAL B 365 -21.67 0.71 -2.60
C VAL B 365 -20.34 -0.02 -2.41
N ASN B 366 -20.37 -1.33 -2.57
CA ASN B 366 -19.17 -2.15 -2.65
C ASN B 366 -18.80 -2.39 -4.11
N VAL B 367 -17.55 -2.08 -4.45
CA VAL B 367 -16.98 -2.34 -5.77
C VAL B 367 -15.89 -3.39 -5.63
N ILE B 368 -15.97 -4.42 -6.48
CA ILE B 368 -15.04 -5.54 -6.49
C ILE B 368 -14.34 -5.56 -7.84
N GLY B 369 -13.05 -5.25 -7.85
CA GLY B 369 -12.18 -5.55 -8.98
C GLY B 369 -11.82 -7.04 -9.01
N PHE B 370 -12.29 -7.74 -10.03
CA PHE B 370 -12.13 -9.19 -10.16
C PHE B 370 -11.27 -9.48 -11.40
N SER B 371 -9.96 -9.45 -11.23
CA SER B 371 -9.09 -9.88 -12.32
C SER B 371 -7.74 -10.23 -11.73
N GLY B 372 -7.08 -11.20 -12.36
CA GLY B 372 -5.68 -11.47 -12.07
C GLY B 372 -4.73 -10.68 -12.94
N VAL B 373 -5.27 -9.85 -13.85
CA VAL B 373 -4.47 -9.03 -14.73
C VAL B 373 -4.42 -7.63 -14.13
N ASN B 374 -3.21 -7.21 -13.73
CA ASN B 374 -3.04 -5.97 -12.96
C ASN B 374 -3.76 -4.79 -13.59
N HIS B 375 -3.54 -4.56 -14.89
CA HIS B 375 -3.98 -3.33 -15.49
C HIS B 375 -5.48 -3.31 -15.76
N GLU B 376 -6.14 -4.47 -15.76
CA GLU B 376 -7.58 -4.48 -15.99
C GLU B 376 -8.35 -3.92 -14.82
N ILE B 377 -7.79 -3.93 -13.63
CA ILE B 377 -8.54 -3.41 -12.49
C ILE B 377 -7.83 -2.21 -11.89
N ALA B 378 -6.95 -1.58 -12.68
CA ALA B 378 -6.21 -0.43 -12.20
C ALA B 378 -7.08 0.83 -12.02
N TYR B 379 -8.35 0.82 -12.45
CA TYR B 379 -9.24 1.94 -12.15
C TYR B 379 -10.40 1.52 -11.25
N GLY B 380 -10.30 0.35 -10.59
CA GLY B 380 -11.33 -0.03 -9.66
C GLY B 380 -11.48 0.96 -8.53
N GLN B 381 -10.36 1.34 -7.90
CA GLN B 381 -10.42 2.30 -6.80
C GLN B 381 -10.89 3.66 -7.29
N SER B 382 -10.46 4.05 -8.48
CA SER B 382 -10.83 5.33 -9.06
C SER B 382 -12.32 5.40 -9.40
N LEU B 383 -12.87 4.31 -9.94
CA LEU B 383 -14.32 4.18 -10.11
C LEU B 383 -15.07 4.30 -8.79
N THR B 384 -14.65 3.53 -7.78
CA THR B 384 -15.26 3.62 -6.44
C THR B 384 -15.26 5.05 -5.91
N ASP B 385 -14.13 5.76 -6.03
CA ASP B 385 -14.05 7.09 -5.46
C ASP B 385 -14.99 8.06 -6.19
N ARG B 386 -15.12 7.90 -7.50
CA ARG B 386 -16.09 8.72 -8.23
C ARG B 386 -17.52 8.39 -7.81
N ILE B 387 -17.84 7.10 -7.66
CA ILE B 387 -19.17 6.75 -7.16
C ILE B 387 -19.39 7.39 -5.80
N GLY B 388 -18.33 7.53 -5.00
CA GLY B 388 -18.42 8.13 -3.67
C GLY B 388 -18.87 9.58 -3.67
N GLU B 389 -18.67 10.29 -4.77
CA GLU B 389 -19.23 11.63 -4.90
C GLU B 389 -20.74 11.70 -4.68
N GLY B 390 -21.45 10.58 -4.84
CA GLY B 390 -22.88 10.56 -4.52
C GLY B 390 -23.22 10.57 -3.03
N GLY B 391 -22.23 10.54 -2.12
CA GLY B 391 -22.44 10.84 -0.71
C GLY B 391 -22.64 9.67 0.23
N MET B 392 -22.79 8.44 -0.29
CA MET B 392 -22.89 7.21 0.48
C MET B 392 -21.49 6.68 0.79
N GLU B 393 -21.42 5.69 1.69
CA GLU B 393 -20.18 4.96 1.90
C GLU B 393 -19.82 4.15 0.68
N THR B 394 -18.52 4.07 0.39
CA THR B 394 -18.01 3.19 -0.67
C THR B 394 -16.78 2.45 -0.18
N LYS B 395 -16.62 1.22 -0.65
CA LYS B 395 -15.45 0.40 -0.33
C LYS B 395 -15.02 -0.34 -1.58
N TYR B 396 -13.76 -0.16 -1.98
CA TYR B 396 -13.17 -0.91 -3.08
C TYR B 396 -12.32 -2.06 -2.55
N VAL B 397 -12.54 -3.25 -3.10
CA VAL B 397 -11.72 -4.43 -2.86
C VAL B 397 -11.35 -5.03 -4.21
N SER B 398 -10.09 -5.45 -4.35
CA SER B 398 -9.68 -6.26 -5.51
C SER B 398 -9.55 -7.72 -5.12
N ALA B 399 -10.11 -8.60 -5.94
CA ALA B 399 -10.00 -10.05 -5.77
C ALA B 399 -9.29 -10.59 -7.00
N THR B 400 -8.09 -11.10 -6.80
CA THR B 400 -7.28 -11.57 -7.91
C THR B 400 -7.32 -13.08 -8.10
N ASN B 401 -8.02 -13.83 -7.24
CA ASN B 401 -8.21 -15.25 -7.47
C ASN B 401 -9.55 -15.69 -6.87
N GLU B 402 -9.80 -17.01 -6.94
CA GLU B 402 -11.06 -17.59 -6.51
C GLU B 402 -11.27 -17.45 -5.01
N GLU B 403 -10.19 -17.63 -4.23
CA GLU B 403 -10.32 -17.52 -2.78
C GLU B 403 -10.61 -16.08 -2.36
N ALA B 404 -9.96 -15.12 -3.01
CA ALA B 404 -10.16 -13.73 -2.63
C ALA B 404 -11.61 -13.30 -2.89
N LEU B 405 -12.16 -13.71 -4.03
CA LEU B 405 -13.56 -13.38 -4.32
C LEU B 405 -14.48 -13.90 -3.23
N GLN B 406 -14.31 -15.17 -2.84
CA GLN B 406 -15.16 -15.73 -1.80
C GLN B 406 -14.99 -14.99 -0.47
N LYS B 407 -13.75 -14.68 -0.09
CA LYS B 407 -13.53 -13.89 1.12
C LYS B 407 -14.14 -12.48 1.01
N THR B 408 -14.06 -11.83 -0.17
CA THR B 408 -14.69 -10.52 -0.32
C THR B 408 -16.20 -10.58 -0.13
N PHE B 409 -16.84 -11.60 -0.71
CA PHE B 409 -18.27 -11.79 -0.49
C PHE B 409 -18.58 -11.98 0.98
N SER B 410 -17.84 -12.87 1.66
CA SER B 410 -18.03 -13.12 3.08
C SER B 410 -17.91 -11.83 3.89
N ASP B 411 -16.84 -11.07 3.66
CA ASP B 411 -16.64 -9.81 4.35
C ASP B 411 -17.80 -8.84 4.12
N ILE B 412 -18.36 -8.84 2.89
CA ILE B 412 -19.49 -7.94 2.61
C ILE B 412 -20.72 -8.38 3.41
N LYS B 413 -20.97 -9.69 3.47
CA LYS B 413 -22.06 -10.20 4.31
C LYS B 413 -21.89 -9.80 5.77
N LYS B 414 -20.69 -9.98 6.32
CA LYS B 414 -20.49 -9.65 7.74
C LYS B 414 -20.67 -8.16 7.98
N GLN B 415 -20.28 -7.33 7.03
CA GLN B 415 -20.43 -5.90 7.22
C GLN B 415 -21.90 -5.47 7.15
N ILE B 416 -22.71 -6.17 6.35
CA ILE B 416 -24.13 -5.85 6.28
C ILE B 416 -24.81 -6.25 7.58
N GLN B 417 -24.55 -7.48 8.04
CA GLN B 417 -25.00 -7.92 9.36
C GLN B 417 -24.62 -6.92 10.44
N GLN B 418 -23.37 -6.45 10.44
CA GLN B 418 -22.97 -5.46 11.43
C GLN B 418 -23.79 -4.17 11.30
N ASP B 419 -24.11 -3.76 10.07
CA ASP B 419 -24.98 -2.60 9.90
C ASP B 419 -26.36 -2.86 10.47
N LEU B 420 -26.90 -4.05 10.22
CA LEU B 420 -28.20 -4.41 10.76
C LEU B 420 -28.21 -4.30 12.28
N TRP B 421 -27.24 -4.94 12.94
CA TRP B 421 -27.13 -4.85 14.40
C TRP B 421 -27.01 -3.39 14.85
N PHE B 422 -26.15 -2.62 14.19
CA PHE B 422 -25.86 -1.27 14.68
C PHE B 422 -27.09 -0.36 14.59
N VAL B 423 -27.93 -0.55 13.56
CA VAL B 423 -29.07 0.35 13.40
C VAL B 423 -30.28 -0.11 14.19
N SER B 424 -30.39 -1.41 14.49
CA SER B 424 -31.39 -1.85 15.45
C SER B 424 -30.99 -1.57 16.89
N GLY B 425 -29.75 -1.18 17.13
CA GLY B 425 -29.28 -0.95 18.47
C GLY B 425 -29.95 0.25 19.11
N PRO B 426 -29.52 0.56 20.33
CA PRO B 426 -30.03 1.69 21.11
C PRO B 426 -29.91 3.04 20.39
MG MG C . 4.41 3.10 -23.86
CL CL D . 10.99 -2.57 -5.16
MG MG E . -13.76 -6.18 -19.47
CL CL F . -12.28 2.05 -0.64
#